data_7VGL
#
_entry.id   7VGL
#
_cell.length_a   92.946
_cell.length_b   127.400
_cell.length_c   139.265
_cell.angle_alpha   90.000
_cell.angle_beta   90.000
_cell.angle_gamma   90.000
#
_symmetry.space_group_name_H-M   'I 2 2 2'
#
loop_
_entity.id
_entity.type
_entity.pdbx_description
1 polymer CmnC
2 non-polymer 'ACETATE ION'
3 water water
#
_entity_poly.entity_id   1
_entity_poly.type   'polypeptide(L)'
_entity_poly.pdbx_seq_one_letter_code
;MGSSHHHHHHSSGLVPRGSHMTAIREIRLSEPESAQAALLALECAQRYAEPDSADFLADAAVLAHDLPRAVRREVERARL
DDRLHALVVRGNDVDQDALGPTPPHWRQARTAASRRYGFLLVLYASLLGDVVGWATQQDGRVVTDVLPIEGQEDSLVSSS
SSVELGWHTEDAFSPYRADYVGLFSLRNPDSVATTVAGLDPDLVGPAVVDVLFGERFHIRPDNSHLPTHNSGGRLSDYFA
GIVEAVENPRAVSILRGHRDAPQLCVDSDFTTAVDGDAEAAGALDTLIKHLGGALYEVVLGPGDVAFLDNRNVVHGRRPF
RARFDGTDRWLKRINVTADLRKSRAARRDAQARVLGEA
;
_entity_poly.pdbx_strand_id   A,B
#
# COMPACT_ATOMS: atom_id res chain seq x y z
N HIS A 20 5.31 16.07 18.07
CA HIS A 20 3.84 15.83 18.02
C HIS A 20 3.42 15.01 19.25
N MET A 21 2.41 15.50 19.98
CA MET A 21 1.89 14.88 21.24
C MET A 21 1.40 13.45 20.96
N THR A 22 0.88 13.20 19.75
CA THR A 22 0.31 11.88 19.32
C THR A 22 1.34 11.08 18.50
N ALA A 23 2.64 11.33 18.66
CA ALA A 23 3.68 10.51 17.98
C ALA A 23 3.63 9.08 18.52
N ILE A 24 3.39 8.90 19.83
CA ILE A 24 3.10 7.55 20.41
C ILE A 24 1.59 7.48 20.63
N ARG A 25 0.88 6.60 19.91
CA ARG A 25 -0.59 6.41 20.09
C ARG A 25 -0.82 5.12 20.86
N GLU A 26 -1.41 5.21 22.06
CA GLU A 26 -1.61 4.03 22.93
C GLU A 26 -3.10 3.71 23.08
N ILE A 27 -3.44 2.44 22.88
CA ILE A 27 -4.78 1.85 23.18
C ILE A 27 -4.55 0.82 24.28
N ARG A 28 -5.21 0.93 25.43
CA ARG A 28 -5.22 -0.15 26.43
C ARG A 28 -6.50 -0.95 26.24
N LEU A 29 -6.38 -2.24 25.97
CA LEU A 29 -7.56 -3.12 25.78
C LEU A 29 -8.29 -3.23 27.12
N SER A 30 -9.61 -3.08 27.10
CA SER A 30 -10.51 -3.57 28.17
C SER A 30 -10.41 -5.10 28.23
N GLU A 31 -10.83 -5.72 29.34
CA GLU A 31 -10.84 -7.21 29.46
C GLU A 31 -11.66 -7.81 28.31
N PRO A 32 -12.89 -7.35 28.01
CA PRO A 32 -13.63 -7.89 26.87
C PRO A 32 -12.90 -7.78 25.53
N GLU A 33 -12.27 -6.64 25.23
CA GLU A 33 -11.53 -6.43 23.96
C GLU A 33 -10.35 -7.39 23.91
N SER A 34 -9.63 -7.55 25.03
CA SER A 34 -8.50 -8.50 25.16
C SER A 34 -9.01 -9.92 24.86
N ALA A 35 -10.12 -10.30 25.47
CA ALA A 35 -10.75 -11.64 25.33
C ALA A 35 -11.18 -11.86 23.87
N GLN A 36 -11.77 -10.83 23.23
CA GLN A 36 -12.25 -10.89 21.83
C GLN A 36 -11.06 -11.10 20.88
N ALA A 37 -9.95 -10.39 21.08
CA ALA A 37 -8.74 -10.53 20.24
C ALA A 37 -8.14 -11.92 20.44
N ALA A 38 -8.07 -12.40 21.69
CA ALA A 38 -7.57 -13.74 22.03
C ALA A 38 -8.45 -14.81 21.35
N LEU A 39 -9.77 -14.70 21.41
CA LEU A 39 -10.69 -15.71 20.82
C LEU A 39 -10.50 -15.77 19.30
N LEU A 40 -10.36 -14.61 18.65
CA LEU A 40 -10.12 -14.55 17.19
C LEU A 40 -8.78 -15.23 16.86
N ALA A 41 -7.74 -14.96 17.63
CA ALA A 41 -6.41 -15.57 17.40
C ALA A 41 -6.50 -17.09 17.55
N LEU A 42 -7.22 -17.55 18.59
CA LEU A 42 -7.37 -19.01 18.84
C LEU A 42 -8.19 -19.64 17.71
N GLU A 43 -9.20 -18.95 17.17
CA GLU A 43 -9.99 -19.46 16.02
C GLU A 43 -9.05 -19.63 14.82
N CYS A 44 -8.14 -18.69 14.59
CA CYS A 44 -7.15 -18.78 13.49
C CYS A 44 -6.21 -19.96 13.74
N ALA A 45 -5.74 -20.14 14.99
CA ALA A 45 -4.84 -21.25 15.35
C ALA A 45 -5.56 -22.60 15.13
N GLN A 46 -6.86 -22.66 15.35
CA GLN A 46 -7.61 -23.92 15.16
C GLN A 46 -7.76 -24.23 13.67
N ARG A 47 -7.86 -23.20 12.82
CA ARG A 47 -8.13 -23.35 11.37
C ARG A 47 -6.82 -23.62 10.61
N TYR A 48 -5.74 -22.90 10.92
CA TYR A 48 -4.52 -22.85 10.07
C TYR A 48 -3.30 -23.39 10.82
N ALA A 49 -2.29 -23.88 10.09
CA ALA A 49 -1.10 -24.52 10.67
C ALA A 49 -0.18 -23.46 11.29
N GLU A 50 0.29 -22.53 10.47
CA GLU A 50 1.32 -21.52 10.88
C GLU A 50 0.72 -20.13 10.75
N PRO A 51 1.17 -19.16 11.58
CA PRO A 51 0.73 -17.78 11.44
C PRO A 51 1.21 -17.13 10.14
N ASP A 52 2.06 -17.79 9.36
CA ASP A 52 2.42 -17.31 8.01
C ASP A 52 2.13 -18.37 6.96
N SER A 53 1.21 -19.31 7.25
CA SER A 53 0.60 -20.21 6.25
C SER A 53 -0.03 -19.36 5.13
N ALA A 54 0.14 -19.75 3.88
CA ALA A 54 -0.36 -18.99 2.70
C ALA A 54 -1.87 -18.79 2.81
N ASP A 55 -2.63 -19.82 3.18
CA ASP A 55 -4.12 -19.74 3.24
C ASP A 55 -4.53 -18.72 4.31
N PHE A 56 -3.85 -18.70 5.46
CA PHE A 56 -4.12 -17.69 6.52
C PHE A 56 -3.80 -16.30 5.99
N LEU A 57 -2.63 -16.10 5.40
CA LEU A 57 -2.21 -14.76 4.91
C LEU A 57 -3.17 -14.23 3.85
N ALA A 58 -3.70 -15.09 2.99
CA ALA A 58 -4.71 -14.71 1.97
C ALA A 58 -5.99 -14.16 2.66
N ASP A 59 -6.35 -14.71 3.82
CA ASP A 59 -7.61 -14.43 4.57
C ASP A 59 -7.36 -13.34 5.62
N ALA A 60 -6.11 -13.01 5.96
CA ALA A 60 -5.76 -12.25 7.19
C ALA A 60 -6.40 -10.86 7.19
N ALA A 61 -6.37 -10.14 6.07
CA ALA A 61 -6.87 -8.76 5.99
C ALA A 61 -8.36 -8.73 6.38
N VAL A 62 -9.13 -9.73 5.96
CA VAL A 62 -10.59 -9.80 6.25
C VAL A 62 -10.80 -10.33 7.68
N LEU A 63 -10.01 -11.32 8.12
CA LEU A 63 -10.10 -11.82 9.52
C LEU A 63 -9.77 -10.67 10.49
N ALA A 64 -8.82 -9.80 10.14
CA ALA A 64 -8.39 -8.67 10.99
C ALA A 64 -9.58 -7.73 11.28
N HIS A 65 -10.56 -7.68 10.38
CA HIS A 65 -11.80 -6.83 10.48
C HIS A 65 -12.67 -7.27 11.67
N ASP A 66 -12.43 -8.47 12.20
CA ASP A 66 -13.20 -9.05 13.33
C ASP A 66 -12.56 -8.66 14.68
N LEU A 67 -11.42 -7.96 14.67
CA LEU A 67 -10.83 -7.40 15.92
C LEU A 67 -11.79 -6.35 16.46
N PRO A 68 -11.69 -6.01 17.76
CA PRO A 68 -12.61 -5.06 18.39
C PRO A 68 -12.63 -3.70 17.67
N ARG A 69 -13.83 -3.14 17.49
CA ARG A 69 -14.09 -1.93 16.67
C ARG A 69 -13.27 -0.74 17.20
N ALA A 70 -13.22 -0.54 18.51
CA ALA A 70 -12.51 0.59 19.15
C ALA A 70 -11.02 0.49 18.82
N VAL A 71 -10.49 -0.73 18.76
CA VAL A 71 -9.08 -1.00 18.39
C VAL A 71 -8.88 -0.69 16.90
N ARG A 72 -9.77 -1.15 16.03
CA ARG A 72 -9.66 -0.89 14.56
C ARG A 72 -9.71 0.62 14.29
N ARG A 73 -10.53 1.37 15.04
CA ARG A 73 -10.63 2.84 14.88
C ARG A 73 -9.29 3.49 15.20
N GLU A 74 -8.67 3.11 16.32
CA GLU A 74 -7.40 3.74 16.75
C GLU A 74 -6.27 3.30 15.81
N VAL A 75 -6.28 2.06 15.33
CA VAL A 75 -5.22 1.59 14.38
C VAL A 75 -5.32 2.41 13.09
N GLU A 76 -6.54 2.68 12.61
CA GLU A 76 -6.76 3.46 11.37
C GLU A 76 -6.30 4.91 11.55
N ARG A 77 -6.51 5.52 12.72
CA ARG A 77 -5.97 6.87 13.03
C ARG A 77 -4.44 6.84 12.94
N ALA A 78 -3.80 5.82 13.50
CA ALA A 78 -2.33 5.67 13.48
C ALA A 78 -1.85 5.52 12.02
N ARG A 79 -2.57 4.72 11.22
CA ARG A 79 -2.13 4.35 9.85
C ARG A 79 -2.01 5.60 8.97
N LEU A 80 -2.90 6.57 9.16
CA LEU A 80 -2.97 7.78 8.31
C LEU A 80 -2.23 8.95 8.98
N ASP A 81 -1.61 8.74 10.13
CA ASP A 81 -0.82 9.80 10.83
C ASP A 81 0.62 9.74 10.30
N ASP A 82 0.98 10.66 9.41
CA ASP A 82 2.30 10.61 8.75
C ASP A 82 3.39 11.17 9.68
N ARG A 83 3.06 11.52 10.92
CA ARG A 83 4.07 11.87 11.95
C ARG A 83 4.08 10.81 13.06
N LEU A 84 3.40 9.68 12.88
CA LEU A 84 3.42 8.57 13.89
C LEU A 84 4.85 8.12 14.15
N HIS A 85 5.19 7.86 15.42
CA HIS A 85 6.41 7.11 15.80
C HIS A 85 6.00 5.66 16.05
N ALA A 86 4.99 5.43 16.89
CA ALA A 86 4.53 4.06 17.19
C ALA A 86 3.10 4.06 17.68
N LEU A 87 2.37 3.05 17.25
CA LEU A 87 1.07 2.64 17.82
C LEU A 87 1.38 1.54 18.82
N VAL A 88 0.86 1.66 20.04
CA VAL A 88 1.10 0.63 21.09
C VAL A 88 -0.27 0.14 21.56
N VAL A 89 -0.52 -1.15 21.42
CA VAL A 89 -1.77 -1.81 21.89
C VAL A 89 -1.36 -2.58 23.15
N ARG A 90 -1.85 -2.13 24.31
CA ARG A 90 -1.49 -2.71 25.62
C ARG A 90 -2.55 -3.72 26.04
N GLY A 91 -2.11 -4.79 26.71
CA GLY A 91 -2.98 -5.64 27.54
C GLY A 91 -3.62 -6.79 26.80
N ASN A 92 -2.98 -7.32 25.74
CA ASN A 92 -3.42 -8.62 25.16
C ASN A 92 -3.17 -9.73 26.19
N ASP A 93 -4.02 -10.76 26.15
CA ASP A 93 -3.92 -11.97 27.01
C ASP A 93 -2.67 -12.76 26.60
N VAL A 94 -1.75 -13.00 27.53
CA VAL A 94 -0.64 -13.97 27.36
C VAL A 94 -0.65 -14.93 28.56
N ASP A 95 -0.92 -16.21 28.30
CA ASP A 95 -0.91 -17.28 29.34
C ASP A 95 0.54 -17.74 29.51
N GLN A 96 1.25 -17.20 30.50
CA GLN A 96 2.72 -17.43 30.71
C GLN A 96 2.98 -18.92 30.99
N ASP A 97 2.13 -19.57 31.80
CA ASP A 97 2.28 -21.00 32.17
C ASP A 97 2.18 -21.86 30.89
N ALA A 98 1.14 -21.64 30.08
CA ALA A 98 0.89 -22.39 28.84
C ALA A 98 2.02 -22.11 27.83
N LEU A 99 2.58 -20.90 27.80
CA LEU A 99 3.60 -20.50 26.80
C LEU A 99 4.87 -21.35 27.00
N GLY A 100 5.19 -21.70 28.24
CA GLY A 100 6.40 -22.47 28.58
C GLY A 100 7.66 -21.62 28.48
N PRO A 101 8.84 -22.26 28.46
CA PRO A 101 10.11 -21.54 28.51
C PRO A 101 10.45 -20.79 27.22
N THR A 102 11.14 -19.67 27.37
CA THR A 102 11.72 -18.93 26.22
C THR A 102 12.72 -19.82 25.51
N PRO A 103 12.51 -20.12 24.22
CA PRO A 103 13.46 -20.93 23.45
C PRO A 103 14.87 -20.34 23.48
N PRO A 104 15.91 -21.18 23.42
CA PRO A 104 17.30 -20.71 23.44
C PRO A 104 17.81 -20.18 22.09
N HIS A 105 17.01 -20.29 21.03
CA HIS A 105 17.38 -19.85 19.65
C HIS A 105 16.11 -19.60 18.84
N TRP A 106 16.14 -18.63 17.91
CA TRP A 106 14.97 -18.33 17.05
C TRP A 106 14.59 -19.57 16.23
N ARG A 107 15.55 -20.41 15.87
CA ARG A 107 15.30 -21.62 15.04
C ARG A 107 14.31 -22.52 15.79
N GLN A 108 14.35 -22.55 17.13
CA GLN A 108 13.47 -23.40 17.98
C GLN A 108 12.26 -22.60 18.51
N ALA A 109 12.00 -21.39 18.01
CA ALA A 109 11.00 -20.48 18.62
C ALA A 109 9.63 -20.60 17.95
N ARG A 110 9.48 -21.42 16.91
CA ARG A 110 8.16 -21.71 16.29
C ARG A 110 7.42 -22.77 17.11
N THR A 111 7.14 -22.49 18.38
CA THR A 111 6.59 -23.46 19.34
C THR A 111 5.07 -23.55 19.15
N ALA A 112 4.50 -24.71 19.42
CA ALA A 112 3.04 -24.92 19.46
C ALA A 112 2.38 -23.82 20.31
N ALA A 113 2.87 -23.62 21.54
CA ALA A 113 2.24 -22.75 22.56
C ALA A 113 2.26 -21.28 22.12
N SER A 114 3.22 -20.88 21.29
CA SER A 114 3.37 -19.45 20.85
C SER A 114 2.63 -19.17 19.54
N ARG A 115 2.06 -20.17 18.87
CA ARG A 115 1.34 -19.97 17.59
C ARG A 115 0.29 -18.86 17.73
N ARG A 116 -0.54 -18.92 18.78
CA ARG A 116 -1.66 -17.96 18.98
C ARG A 116 -1.14 -16.52 18.96
N TYR A 117 0.08 -16.28 19.42
CA TYR A 117 0.63 -14.89 19.52
C TYR A 117 1.10 -14.46 18.13
N GLY A 118 1.67 -15.40 17.37
CA GLY A 118 1.99 -15.20 15.96
C GLY A 118 0.75 -14.83 15.16
N PHE A 119 -0.34 -15.58 15.32
CA PHE A 119 -1.61 -15.31 14.60
C PHE A 119 -2.11 -13.92 15.01
N LEU A 120 -2.07 -13.58 16.30
CA LEU A 120 -2.64 -12.29 16.75
C LEU A 120 -1.78 -11.15 16.20
N LEU A 121 -0.46 -11.31 16.19
CA LEU A 121 0.44 -10.25 15.64
C LEU A 121 0.08 -10.02 14.16
N VAL A 122 -0.12 -11.08 13.39
CA VAL A 122 -0.46 -10.94 11.95
C VAL A 122 -1.82 -10.25 11.81
N LEU A 123 -2.82 -10.57 12.65
CA LEU A 123 -4.16 -9.93 12.56
C LEU A 123 -4.03 -8.43 12.79
N TYR A 124 -3.34 -7.99 13.85
CA TYR A 124 -3.12 -6.54 14.12
C TYR A 124 -2.39 -5.93 12.91
N ALA A 125 -1.33 -6.59 12.44
CA ALA A 125 -0.47 -6.07 11.36
C ALA A 125 -1.30 -5.85 10.10
N SER A 126 -2.28 -6.72 9.86
CA SER A 126 -3.05 -6.75 8.59
C SER A 126 -4.06 -5.61 8.54
N LEU A 127 -4.28 -4.91 9.67
CA LEU A 127 -5.01 -3.62 9.67
C LEU A 127 -4.14 -2.52 9.04
N LEU A 128 -2.82 -2.65 9.04
CA LEU A 128 -1.89 -1.55 8.62
C LEU A 128 -1.39 -1.77 7.19
N GLY A 129 -1.42 -3.01 6.72
CA GLY A 129 -0.93 -3.36 5.37
C GLY A 129 -0.78 -4.86 5.24
N ASP A 130 0.14 -5.29 4.38
CA ASP A 130 0.37 -6.71 4.07
C ASP A 130 1.70 -7.14 4.69
N VAL A 131 1.72 -8.28 5.35
CA VAL A 131 2.96 -8.74 6.03
C VAL A 131 3.92 -9.34 5.02
N VAL A 132 5.21 -9.12 5.25
CA VAL A 132 6.32 -9.61 4.40
C VAL A 132 7.43 -10.12 5.30
N GLY A 133 8.26 -11.01 4.76
CA GLY A 133 9.53 -11.42 5.38
C GLY A 133 10.67 -11.25 4.40
N TRP A 134 11.85 -11.69 4.77
CA TRP A 134 13.08 -11.55 3.97
C TRP A 134 13.70 -12.94 3.82
N ALA A 135 14.14 -13.31 2.61
CA ALA A 135 14.81 -14.60 2.34
C ALA A 135 16.03 -14.76 3.25
N THR A 136 16.63 -13.65 3.67
CA THR A 136 17.96 -13.58 4.33
C THR A 136 17.82 -13.21 5.81
N GLN A 137 16.60 -13.26 6.37
CA GLN A 137 16.36 -13.10 7.82
C GLN A 137 15.57 -14.28 8.36
N GLN A 138 16.13 -14.99 9.35
CA GLN A 138 15.50 -16.14 10.03
C GLN A 138 14.83 -17.05 8.99
N ASP A 139 15.58 -17.42 7.95
CA ASP A 139 15.20 -18.45 6.94
C ASP A 139 13.88 -18.07 6.24
N GLY A 140 13.60 -16.79 6.04
CA GLY A 140 12.42 -16.34 5.29
C GLY A 140 11.12 -16.48 6.07
N ARG A 141 11.19 -16.64 7.38
CA ARG A 141 9.97 -16.64 8.22
C ARG A 141 9.33 -15.25 8.16
N VAL A 142 8.01 -15.19 8.08
CA VAL A 142 7.30 -13.88 8.11
C VAL A 142 7.15 -13.44 9.57
N VAL A 143 6.71 -14.34 10.45
CA VAL A 143 6.70 -14.09 11.92
C VAL A 143 8.07 -14.54 12.45
N THR A 144 8.87 -13.61 12.93
CA THR A 144 10.26 -13.87 13.41
C THR A 144 10.31 -13.70 14.92
N ASP A 145 11.43 -14.05 15.52
CA ASP A 145 11.54 -14.10 16.99
C ASP A 145 12.70 -13.22 17.43
N VAL A 146 12.45 -12.45 18.48
CA VAL A 146 13.47 -11.59 19.13
C VAL A 146 13.66 -12.13 20.55
N LEU A 147 14.76 -12.83 20.77
CA LEU A 147 15.09 -13.39 22.10
C LEU A 147 16.61 -13.47 22.19
N PRO A 148 17.16 -13.40 23.43
CA PRO A 148 18.61 -13.41 23.59
C PRO A 148 19.18 -14.81 23.35
N ILE A 149 20.27 -14.87 22.62
CA ILE A 149 20.97 -16.14 22.28
C ILE A 149 22.34 -16.15 22.94
N GLU A 150 22.64 -17.23 23.64
CA GLU A 150 23.93 -17.44 24.33
C GLU A 150 25.02 -17.46 23.25
N GLY A 151 26.01 -16.58 23.38
CA GLY A 151 27.09 -16.40 22.38
C GLY A 151 26.81 -15.26 21.40
N GLN A 152 25.63 -14.64 21.47
CA GLN A 152 25.29 -13.44 20.65
C GLN A 152 25.14 -12.21 21.55
N GLU A 153 25.60 -12.28 22.81
CA GLU A 153 25.42 -11.16 23.79
C GLU A 153 25.92 -9.85 23.19
N ASP A 154 27.07 -9.88 22.51
CA ASP A 154 27.82 -8.67 22.08
C ASP A 154 27.67 -8.47 20.56
N SER A 155 26.80 -9.23 19.91
CA SER A 155 26.49 -9.09 18.46
C SER A 155 25.67 -7.81 18.23
N LEU A 156 25.52 -7.43 16.96
CA LEU A 156 24.79 -6.21 16.52
C LEU A 156 23.40 -6.59 16.01
N VAL A 157 22.88 -7.77 16.39
CA VAL A 157 21.58 -8.29 15.90
C VAL A 157 20.61 -8.32 17.07
N SER A 158 19.32 -8.56 16.78
CA SER A 158 18.19 -8.48 17.73
C SER A 158 18.30 -9.56 18.82
N SER A 159 19.15 -10.58 18.64
CA SER A 159 19.38 -11.67 19.63
C SER A 159 20.47 -11.27 20.65
N SER A 160 20.96 -10.03 20.58
CA SER A 160 21.96 -9.48 21.53
C SER A 160 21.30 -9.24 22.89
N SER A 161 22.11 -8.96 23.90
CA SER A 161 21.64 -8.66 25.27
C SER A 161 22.59 -7.63 25.88
N SER A 162 23.84 -8.04 26.18
CA SER A 162 24.84 -7.21 26.90
C SER A 162 25.13 -5.92 26.13
N VAL A 163 25.21 -5.98 24.80
CA VAL A 163 25.46 -4.79 23.93
C VAL A 163 24.10 -4.28 23.41
N GLU A 164 23.89 -2.96 23.51
CA GLU A 164 22.69 -2.24 22.99
C GLU A 164 22.47 -2.63 21.53
N LEU A 165 21.22 -2.85 21.12
CA LEU A 165 20.89 -2.94 19.69
C LEU A 165 20.95 -1.52 19.14
N GLY A 166 21.92 -1.24 18.27
CA GLY A 166 22.13 0.10 17.71
C GLY A 166 20.88 0.54 16.96
N TRP A 167 20.56 1.82 16.99
CA TRP A 167 19.29 2.31 16.40
C TRP A 167 19.42 2.30 14.88
N HIS A 168 18.31 1.99 14.21
CA HIS A 168 18.28 1.89 12.73
C HIS A 168 16.84 1.89 12.26
N THR A 169 16.63 2.38 11.04
CA THR A 169 15.51 2.02 10.16
C THR A 169 15.61 0.52 9.82
N GLU A 170 14.52 -0.24 9.97
CA GLU A 170 14.52 -1.69 9.67
C GLU A 170 14.83 -1.85 8.18
N ASP A 171 15.84 -2.65 7.85
CA ASP A 171 16.23 -2.95 6.44
C ASP A 171 16.48 -1.66 5.66
N ALA A 172 17.18 -0.71 6.28
CA ALA A 172 17.47 0.64 5.76
C ALA A 172 18.06 0.55 4.35
N PHE A 173 18.86 -0.47 4.08
CA PHE A 173 19.59 -0.65 2.79
C PHE A 173 18.62 -0.83 1.62
N SER A 174 17.39 -1.30 1.88
CA SER A 174 16.50 -1.88 0.83
C SER A 174 15.42 -0.90 0.41
N PRO A 175 15.13 -0.78 -0.90
CA PRO A 175 13.97 -0.03 -1.37
C PRO A 175 12.65 -0.72 -1.00
N TYR A 176 12.71 -1.97 -0.55
CA TYR A 176 11.51 -2.78 -0.16
C TYR A 176 11.37 -2.83 1.37
N ARG A 177 12.13 -2.02 2.11
CA ARG A 177 12.04 -1.95 3.58
C ARG A 177 10.58 -1.71 3.99
N ALA A 178 10.21 -2.25 5.15
CA ALA A 178 8.83 -2.22 5.67
C ALA A 178 8.40 -0.77 5.94
N ASP A 179 7.09 -0.54 5.87
CA ASP A 179 6.44 0.70 6.34
C ASP A 179 6.23 0.62 7.85
N TYR A 180 5.91 -0.55 8.38
CA TYR A 180 5.81 -0.76 9.85
C TYR A 180 6.60 -1.99 10.27
N VAL A 181 7.16 -1.91 11.48
CA VAL A 181 7.72 -3.08 12.19
C VAL A 181 6.81 -3.32 13.39
N GLY A 182 6.25 -4.52 13.47
CA GLY A 182 5.40 -4.96 14.59
C GLY A 182 6.22 -5.77 15.57
N LEU A 183 6.03 -5.51 16.86
CA LEU A 183 6.70 -6.22 17.97
C LEU A 183 5.62 -6.65 18.96
N PHE A 184 5.45 -7.95 19.17
CA PHE A 184 4.50 -8.49 20.17
C PHE A 184 5.34 -9.03 21.32
N SER A 185 5.30 -8.37 22.47
CA SER A 185 6.05 -8.80 23.66
C SER A 185 5.29 -9.95 24.34
N LEU A 186 5.89 -11.15 24.35
CA LEU A 186 5.35 -12.34 25.06
C LEU A 186 5.77 -12.28 26.52
N ARG A 187 6.97 -11.77 26.78
CA ARG A 187 7.49 -11.64 28.15
C ARG A 187 8.70 -10.71 28.15
N ASN A 188 8.83 -9.98 29.25
CA ASN A 188 9.86 -8.92 29.40
C ASN A 188 10.01 -8.67 30.90
N PRO A 189 10.48 -9.68 31.67
CA PRO A 189 10.43 -9.62 33.14
C PRO A 189 11.22 -8.47 33.76
N ASP A 190 12.27 -7.99 33.07
CA ASP A 190 13.16 -6.90 33.56
C ASP A 190 12.82 -5.55 32.90
N SER A 191 11.68 -5.47 32.21
CA SER A 191 11.15 -4.21 31.62
C SER A 191 12.22 -3.58 30.72
N VAL A 192 12.82 -4.39 29.84
CA VAL A 192 13.88 -3.90 28.91
C VAL A 192 13.21 -3.01 27.86
N ALA A 193 13.75 -1.81 27.65
CA ALA A 193 13.16 -0.79 26.77
C ALA A 193 13.58 -1.00 25.31
N THR A 194 12.61 -0.91 24.41
CA THR A 194 12.78 -0.59 22.98
C THR A 194 13.14 0.91 22.91
N THR A 195 14.03 1.29 22.01
CA THR A 195 14.44 2.70 21.82
C THR A 195 13.90 3.17 20.47
N VAL A 196 13.52 4.44 20.43
CA VAL A 196 12.80 5.06 19.28
C VAL A 196 13.32 6.48 19.10
N ALA A 197 13.54 6.94 17.86
CA ALA A 197 13.76 8.37 17.58
C ALA A 197 13.22 8.74 16.19
N GLY A 198 12.59 9.91 16.10
CA GLY A 198 12.29 10.56 14.81
C GLY A 198 13.25 11.72 14.57
N LEU A 199 13.15 12.35 13.40
CA LEU A 199 13.91 13.58 13.09
C LEU A 199 12.95 14.77 13.06
N ASP A 200 13.24 15.79 13.86
CA ASP A 200 12.64 17.15 13.76
C ASP A 200 13.50 17.96 12.79
N PRO A 201 13.01 18.27 11.56
CA PRO A 201 13.80 19.02 10.58
C PRO A 201 14.26 20.39 11.12
N ASP A 202 13.42 21.04 11.92
CA ASP A 202 13.65 22.41 12.47
C ASP A 202 14.81 22.40 13.49
N LEU A 203 15.21 21.22 14.00
CA LEU A 203 16.19 21.08 15.12
C LEU A 203 17.54 20.56 14.61
N VAL A 204 17.67 20.32 13.31
CA VAL A 204 18.98 20.00 12.66
C VAL A 204 19.35 21.16 11.73
N GLY A 205 18.38 22.01 11.38
CA GLY A 205 18.55 23.18 10.49
C GLY A 205 18.27 22.81 9.04
N PRO A 206 17.75 23.76 8.20
CA PRO A 206 17.46 23.46 6.80
C PRO A 206 18.72 23.16 5.97
N ALA A 207 19.91 23.54 6.48
CA ALA A 207 21.24 23.30 5.86
C ALA A 207 21.54 21.79 5.85
N VAL A 208 21.41 21.13 7.01
CA VAL A 208 21.67 19.66 7.15
C VAL A 208 20.56 18.88 6.45
N VAL A 209 19.30 19.33 6.56
CA VAL A 209 18.11 18.69 5.91
C VAL A 209 18.32 18.66 4.39
N ASP A 210 18.79 19.75 3.78
CA ASP A 210 19.10 19.83 2.33
C ASP A 210 20.13 18.75 1.96
N VAL A 211 21.18 18.58 2.77
CA VAL A 211 22.27 17.60 2.52
C VAL A 211 21.70 16.18 2.67
N LEU A 212 20.90 15.93 3.70
CA LEU A 212 20.36 14.57 3.99
C LEU A 212 19.38 14.14 2.89
N PHE A 213 18.77 15.09 2.17
CA PHE A 213 17.84 14.85 1.03
C PHE A 213 18.62 14.42 -0.24
N GLY A 214 19.93 14.67 -0.26
CA GLY A 214 20.76 14.32 -1.42
C GLY A 214 21.12 12.86 -1.41
N GLU A 215 21.28 12.27 -2.60
CA GLU A 215 21.74 10.86 -2.77
C GLU A 215 23.26 10.81 -2.55
N ARG A 216 23.68 10.93 -1.30
CA ARG A 216 25.09 11.20 -0.91
C ARG A 216 25.55 10.22 0.16
N PHE A 217 24.86 9.10 0.32
CA PHE A 217 25.11 8.13 1.44
C PHE A 217 25.11 6.70 0.94
N HIS A 218 25.81 5.83 1.66
CA HIS A 218 25.81 4.37 1.46
C HIS A 218 25.15 3.72 2.69
N ILE A 219 24.08 2.97 2.49
CA ILE A 219 23.42 2.21 3.59
C ILE A 219 23.55 0.74 3.28
N ARG A 220 24.35 0.01 4.07
CA ARG A 220 24.64 -1.42 3.86
C ARG A 220 23.68 -2.26 4.69
N PRO A 221 23.42 -3.53 4.27
CA PRO A 221 22.59 -4.44 5.05
C PRO A 221 23.22 -4.69 6.43
N ASP A 222 22.37 -4.78 7.45
CA ASP A 222 22.84 -5.06 8.83
C ASP A 222 23.18 -6.54 8.93
N ASN A 223 23.78 -6.95 10.04
CA ASN A 223 24.36 -8.31 10.21
C ASN A 223 23.27 -9.38 10.25
N SER A 224 22.01 -9.05 10.53
CA SER A 224 20.92 -10.07 10.59
C SER A 224 20.72 -10.73 9.22
N HIS A 225 21.15 -10.09 8.13
CA HIS A 225 20.97 -10.58 6.74
C HIS A 225 22.14 -11.50 6.32
N LEU A 226 23.13 -11.67 7.20
CA LEU A 226 24.32 -12.52 6.89
C LEU A 226 23.97 -14.00 7.04
N PRO A 227 24.66 -14.90 6.30
CA PRO A 227 24.49 -16.33 6.46
C PRO A 227 24.66 -16.83 7.91
N THR A 228 25.43 -16.12 8.74
CA THR A 228 25.70 -16.50 10.15
C THR A 228 24.44 -16.37 11.03
N HIS A 229 23.38 -15.70 10.56
CA HIS A 229 22.11 -15.51 11.31
C HIS A 229 20.96 -16.19 10.56
N ASN A 230 21.28 -17.17 9.71
CA ASN A 230 20.33 -18.07 9.02
C ASN A 230 20.85 -19.50 9.13
N SER A 231 20.00 -20.49 8.83
CA SER A 231 20.38 -21.92 8.81
C SER A 231 21.43 -22.15 7.71
N GLY A 232 22.45 -22.97 8.01
CA GLY A 232 23.60 -23.24 7.12
C GLY A 232 23.19 -23.87 5.80
N GLY A 233 22.06 -24.58 5.77
CA GLY A 233 21.55 -25.25 4.55
C GLY A 233 20.94 -24.30 3.54
N ARG A 234 20.82 -23.00 3.87
CA ARG A 234 20.14 -22.00 3.00
C ARG A 234 21.02 -21.75 1.77
N LEU A 235 20.39 -21.66 0.60
CA LEU A 235 21.05 -21.43 -0.72
C LEU A 235 21.92 -20.15 -0.63
N SER A 236 23.15 -20.24 -1.12
CA SER A 236 24.10 -19.10 -1.27
C SER A 236 23.43 -17.96 -2.02
N ASP A 237 22.58 -18.29 -3.01
CA ASP A 237 21.99 -17.33 -3.98
C ASP A 237 20.95 -16.47 -3.30
N TYR A 238 20.38 -16.89 -2.16
CA TYR A 238 19.48 -16.02 -1.34
C TYR A 238 20.27 -14.77 -0.94
N PHE A 239 21.58 -14.93 -0.72
CA PHE A 239 22.45 -13.88 -0.13
C PHE A 239 23.11 -13.02 -1.23
N ALA A 240 22.97 -13.36 -2.51
CA ALA A 240 23.64 -12.62 -3.63
C ALA A 240 23.28 -11.13 -3.57
N GLY A 241 21.98 -10.82 -3.41
CA GLY A 241 21.49 -9.45 -3.26
C GLY A 241 22.09 -8.77 -2.04
N ILE A 242 22.15 -9.46 -0.91
CA ILE A 242 22.75 -8.88 0.34
C ILE A 242 24.24 -8.60 0.08
N VAL A 243 24.96 -9.57 -0.47
CA VAL A 243 26.43 -9.43 -0.68
C VAL A 243 26.64 -8.23 -1.60
N GLU A 244 25.89 -8.12 -2.71
CA GLU A 244 25.97 -6.99 -3.66
C GLU A 244 25.73 -5.66 -2.92
N ALA A 245 24.78 -5.62 -1.99
CA ALA A 245 24.42 -4.37 -1.26
C ALA A 245 25.53 -3.99 -0.26
N VAL A 246 26.31 -4.98 0.23
CA VAL A 246 27.46 -4.74 1.14
C VAL A 246 28.65 -4.23 0.31
N GLU A 247 28.91 -4.87 -0.82
CA GLU A 247 30.12 -4.59 -1.64
C GLU A 247 29.94 -3.28 -2.42
N ASN A 248 28.79 -3.10 -3.09
CA ASN A 248 28.56 -1.99 -4.06
C ASN A 248 27.27 -1.26 -3.69
N PRO A 249 27.20 -0.62 -2.52
CA PRO A 249 26.00 0.11 -2.12
C PRO A 249 25.69 1.23 -3.11
N ARG A 250 24.41 1.41 -3.44
CA ARG A 250 23.93 2.55 -4.26
C ARG A 250 24.03 3.83 -3.43
N ALA A 251 24.34 4.95 -4.08
CA ALA A 251 24.23 6.32 -3.51
C ALA A 251 22.75 6.60 -3.23
N VAL A 252 22.38 6.82 -1.97
CA VAL A 252 20.96 7.04 -1.56
C VAL A 252 20.87 8.24 -0.60
N SER A 253 19.65 8.78 -0.48
CA SER A 253 19.32 9.85 0.48
C SER A 253 19.02 9.21 1.84
N ILE A 254 19.03 10.03 2.89
CA ILE A 254 18.57 9.64 4.25
C ILE A 254 17.17 10.22 4.47
N LEU A 255 16.88 11.40 3.92
CA LEU A 255 15.53 12.02 3.97
C LEU A 255 14.91 12.01 2.57
N ARG A 256 13.60 11.85 2.50
CA ARG A 256 12.82 11.94 1.23
C ARG A 256 11.39 12.40 1.52
N GLY A 257 10.71 12.85 0.47
CA GLY A 257 9.28 13.22 0.51
C GLY A 257 9.12 14.70 0.77
N HIS A 258 8.03 15.09 1.45
CA HIS A 258 7.67 16.50 1.74
C HIS A 258 8.63 17.06 2.80
N ARG A 259 9.08 18.31 2.62
CA ARG A 259 9.96 19.01 3.60
C ARG A 259 9.29 19.13 4.98
N ASP A 260 7.96 19.27 5.03
CA ASP A 260 7.16 19.40 6.27
C ASP A 260 7.02 18.04 6.99
N ALA A 261 7.24 16.92 6.29
CA ALA A 261 7.01 15.55 6.83
C ALA A 261 7.94 14.56 6.15
N PRO A 262 9.27 14.78 6.18
CA PRO A 262 10.19 13.90 5.46
C PRO A 262 10.25 12.52 6.09
N GLN A 263 10.42 11.51 5.24
CA GLN A 263 10.72 10.13 5.70
C GLN A 263 12.20 10.04 6.03
N LEU A 264 12.53 9.12 6.95
CA LEU A 264 13.89 8.92 7.48
C LEU A 264 14.33 7.50 7.14
N CYS A 265 15.55 7.35 6.65
CA CYS A 265 16.16 6.05 6.33
C CYS A 265 17.65 6.09 6.69
N VAL A 266 18.01 5.46 7.81
CA VAL A 266 19.42 5.47 8.28
C VAL A 266 19.64 4.31 9.24
N ASP A 267 20.87 3.79 9.26
CA ASP A 267 21.32 2.75 10.21
C ASP A 267 22.60 3.26 10.87
N SER A 268 22.58 3.47 12.19
CA SER A 268 23.68 4.09 12.97
C SER A 268 24.99 3.32 12.77
N ASP A 269 24.92 2.01 12.52
CA ASP A 269 26.14 1.15 12.42
C ASP A 269 26.52 0.89 10.95
N PHE A 270 25.65 1.12 9.97
CA PHE A 270 25.87 0.64 8.57
C PHE A 270 25.66 1.75 7.55
N THR A 271 25.71 3.02 7.97
CA THR A 271 25.57 4.19 7.06
C THR A 271 26.88 5.00 7.06
N THR A 272 27.35 5.36 5.87
CA THR A 272 28.53 6.22 5.63
C THR A 272 28.15 7.25 4.55
N ALA A 273 28.80 8.42 4.56
CA ALA A 273 28.77 9.37 3.44
C ALA A 273 29.59 8.78 2.29
N VAL A 274 29.22 9.07 1.04
CA VAL A 274 29.99 8.67 -0.17
C VAL A 274 31.40 9.27 -0.03
N ASP A 275 32.42 8.52 -0.46
CA ASP A 275 33.84 8.93 -0.37
C ASP A 275 34.00 10.34 -0.95
N GLY A 276 34.68 11.23 -0.23
CA GLY A 276 35.05 12.59 -0.69
C GLY A 276 33.96 13.62 -0.47
N ASP A 277 32.81 13.24 0.09
CA ASP A 277 31.68 14.18 0.34
C ASP A 277 31.73 14.59 1.81
N ALA A 278 32.71 15.42 2.17
CA ALA A 278 32.96 15.92 3.53
C ALA A 278 31.70 16.58 4.09
N GLU A 279 30.95 17.30 3.25
CA GLU A 279 29.70 18.01 3.63
C GLU A 279 28.63 16.99 4.05
N ALA A 280 28.53 15.86 3.33
CA ALA A 280 27.60 14.76 3.63
C ALA A 280 28.03 14.04 4.92
N ALA A 281 29.33 13.73 5.06
CA ALA A 281 29.92 13.08 6.24
C ALA A 281 29.62 13.91 7.51
N GLY A 282 29.68 15.25 7.40
CA GLY A 282 29.38 16.18 8.49
C GLY A 282 27.92 16.13 8.90
N ALA A 283 27.01 16.13 7.91
CA ALA A 283 25.54 16.08 8.11
C ALA A 283 25.16 14.76 8.79
N LEU A 284 25.78 13.64 8.37
CA LEU A 284 25.56 12.30 8.97
C LEU A 284 26.00 12.32 10.44
N ASP A 285 27.16 12.94 10.72
CA ASP A 285 27.74 13.07 12.08
C ASP A 285 26.76 13.84 12.98
N THR A 286 26.20 14.94 12.46
CA THR A 286 25.19 15.80 13.13
C THR A 286 23.91 15.00 13.38
N LEU A 287 23.44 14.24 12.39
CA LEU A 287 22.19 13.45 12.51
C LEU A 287 22.37 12.40 13.61
N ILE A 288 23.48 11.66 13.60
CA ILE A 288 23.75 10.57 14.57
C ILE A 288 23.76 11.14 15.99
N LYS A 289 24.34 12.33 16.19
CA LYS A 289 24.42 12.99 17.51
C LYS A 289 23.01 13.43 17.94
N HIS A 290 22.22 14.00 17.02
CA HIS A 290 20.81 14.42 17.28
C HIS A 290 19.94 13.21 17.63
N LEU A 291 20.01 12.13 16.83
CA LEU A 291 19.12 10.96 17.02
C LEU A 291 19.57 10.20 18.27
N GLY A 292 20.86 10.00 18.45
CA GLY A 292 21.47 9.33 19.63
C GLY A 292 20.97 9.94 20.94
N GLY A 293 20.84 11.26 21.01
CA GLY A 293 20.41 12.01 22.20
C GLY A 293 18.91 11.97 22.41
N ALA A 294 18.14 12.18 21.34
CA ALA A 294 16.65 12.21 21.35
C ALA A 294 16.08 10.78 21.51
N LEU A 295 16.88 9.75 21.26
CA LEU A 295 16.47 8.33 21.42
C LEU A 295 15.74 8.11 22.76
N TYR A 296 14.48 7.69 22.73
CA TYR A 296 13.63 7.57 23.94
C TYR A 296 13.10 6.15 24.08
N GLU A 297 12.64 5.83 25.27
CA GLU A 297 12.32 4.43 25.66
C GLU A 297 10.83 4.16 25.64
N VAL A 298 10.48 3.00 25.11
CA VAL A 298 9.12 2.40 25.17
C VAL A 298 9.33 0.98 25.72
N VAL A 299 8.72 0.66 26.86
CA VAL A 299 8.81 -0.71 27.42
C VAL A 299 7.57 -1.48 26.97
N LEU A 300 7.76 -2.58 26.25
CA LEU A 300 6.67 -3.49 25.85
C LEU A 300 6.59 -4.61 26.89
N GLY A 301 5.55 -4.57 27.71
CA GLY A 301 5.25 -5.62 28.70
C GLY A 301 4.59 -6.81 28.02
N PRO A 302 4.45 -7.96 28.72
CA PRO A 302 3.80 -9.13 28.13
C PRO A 302 2.38 -8.75 27.67
N GLY A 303 2.07 -9.03 26.40
CA GLY A 303 0.77 -8.74 25.79
C GLY A 303 0.72 -7.38 25.16
N ASP A 304 1.81 -6.60 25.18
CA ASP A 304 1.88 -5.30 24.49
C ASP A 304 2.39 -5.53 23.06
N VAL A 305 1.70 -4.94 22.08
CA VAL A 305 2.06 -4.98 20.63
C VAL A 305 2.36 -3.56 20.19
N ALA A 306 3.51 -3.31 19.58
CA ALA A 306 3.87 -1.99 19.03
C ALA A 306 4.03 -2.12 17.51
N PHE A 307 3.61 -1.09 16.79
CA PHE A 307 3.92 -0.93 15.35
C PHE A 307 4.67 0.38 15.21
N LEU A 308 5.96 0.28 14.93
CA LEU A 308 6.87 1.43 14.65
C LEU A 308 6.62 1.87 13.21
N ASP A 309 6.41 3.16 12.98
CA ASP A 309 6.36 3.69 11.60
C ASP A 309 7.81 3.80 11.11
N ASN A 310 8.20 2.83 10.27
CA ASN A 310 9.59 2.65 9.82
C ASN A 310 9.96 3.76 8.83
N ARG A 311 8.99 4.52 8.34
CA ARG A 311 9.26 5.68 7.46
C ARG A 311 9.69 6.87 8.32
N ASN A 312 9.35 6.87 9.62
CA ASN A 312 9.49 8.06 10.48
C ASN A 312 10.54 7.85 11.57
N VAL A 313 10.72 6.63 12.07
CA VAL A 313 11.61 6.45 13.24
C VAL A 313 12.65 5.38 12.98
N VAL A 314 13.79 5.57 13.65
CA VAL A 314 14.81 4.52 13.90
C VAL A 314 14.45 3.86 15.24
N HIS A 315 14.83 2.61 15.42
CA HIS A 315 14.59 1.92 16.71
C HIS A 315 15.79 1.05 17.06
N GLY A 316 15.85 0.68 18.33
CA GLY A 316 16.90 -0.14 18.91
C GLY A 316 16.39 -0.77 20.19
N ARG A 317 17.30 -1.22 21.04
CA ARG A 317 16.91 -1.88 22.30
C ARG A 317 18.03 -1.64 23.31
N ARG A 318 17.66 -1.37 24.54
CA ARG A 318 18.65 -1.09 25.62
C ARG A 318 19.41 -2.38 25.94
N PRO A 319 20.64 -2.26 26.47
CA PRO A 319 21.39 -3.41 26.93
C PRO A 319 20.66 -4.02 28.14
N PHE A 320 20.76 -5.34 28.30
CA PHE A 320 20.21 -6.09 29.43
C PHE A 320 21.07 -7.35 29.66
N ARG A 321 20.92 -7.94 30.84
CA ARG A 321 21.57 -9.22 31.24
C ARG A 321 20.56 -10.36 31.07
N ALA A 322 20.79 -11.24 30.10
CA ALA A 322 19.98 -12.45 29.86
C ALA A 322 20.36 -13.51 30.91
N ARG A 323 19.38 -14.28 31.39
CA ARG A 323 19.58 -15.34 32.41
C ARG A 323 19.82 -16.70 31.74
N PHE A 324 19.36 -16.87 30.49
CA PHE A 324 19.45 -18.12 29.70
C PHE A 324 18.97 -19.32 30.52
N ASP A 325 17.81 -19.18 31.15
CA ASP A 325 17.20 -20.21 32.04
C ASP A 325 15.75 -20.48 31.62
N GLY A 326 15.32 -19.91 30.49
CA GLY A 326 13.97 -20.09 29.93
C GLY A 326 13.00 -19.00 30.38
N THR A 327 13.47 -17.98 31.10
CA THR A 327 12.62 -16.88 31.62
C THR A 327 12.85 -15.59 30.82
N ASP A 328 13.72 -15.62 29.81
CA ASP A 328 14.22 -14.38 29.18
C ASP A 328 13.15 -13.72 28.30
N ARG A 329 13.37 -12.43 28.08
CA ARG A 329 12.58 -11.56 27.17
C ARG A 329 12.36 -12.26 25.83
N TRP A 330 11.15 -12.17 25.31
CA TRP A 330 10.78 -12.84 24.04
C TRP A 330 9.72 -12.00 23.34
N LEU A 331 10.07 -11.48 22.16
CA LEU A 331 9.13 -10.75 21.27
C LEU A 331 8.94 -11.56 19.98
N LYS A 332 7.73 -11.54 19.42
CA LYS A 332 7.45 -11.87 18.01
C LYS A 332 7.56 -10.59 17.18
N ARG A 333 8.10 -10.67 15.96
CA ARG A 333 8.35 -9.50 15.10
C ARG A 333 7.76 -9.78 13.72
N ILE A 334 7.28 -8.73 13.08
CA ILE A 334 6.72 -8.80 11.71
C ILE A 334 7.03 -7.49 10.99
N ASN A 335 7.21 -7.60 9.68
CA ASN A 335 7.36 -6.46 8.75
C ASN A 335 6.04 -6.27 8.02
N VAL A 336 5.62 -5.02 7.84
CA VAL A 336 4.34 -4.69 7.17
C VAL A 336 4.64 -3.71 6.04
N THR A 337 4.10 -3.96 4.85
CA THR A 337 4.20 -3.01 3.72
C THR A 337 2.81 -2.44 3.45
N ALA A 338 2.75 -1.13 3.18
CA ALA A 338 1.53 -0.46 2.68
C ALA A 338 1.20 -0.97 1.27
N ASP A 339 2.19 -1.47 0.54
CA ASP A 339 2.02 -1.75 -0.92
C ASP A 339 2.78 -3.03 -1.28
N LEU A 340 2.13 -4.18 -1.18
CA LEU A 340 2.76 -5.48 -1.48
C LEU A 340 3.13 -5.49 -2.97
N ARG A 341 2.26 -4.96 -3.83
CA ARG A 341 2.44 -5.02 -5.30
C ARG A 341 3.82 -4.47 -5.70
N LYS A 342 4.32 -3.43 -5.00
CA LYS A 342 5.53 -2.72 -5.44
C LYS A 342 6.76 -3.62 -5.36
N SER A 343 6.73 -4.68 -4.55
CA SER A 343 7.91 -5.56 -4.36
C SER A 343 7.80 -6.82 -5.23
N ARG A 344 6.88 -6.87 -6.18
CA ARG A 344 6.59 -8.13 -6.93
C ARG A 344 7.86 -8.63 -7.64
N ALA A 345 8.74 -7.74 -8.11
CA ALA A 345 10.03 -8.12 -8.76
C ALA A 345 10.92 -8.92 -7.80
N ALA A 346 10.74 -8.77 -6.48
CA ALA A 346 11.59 -9.42 -5.45
C ALA A 346 10.89 -10.62 -4.82
N ARG A 347 9.70 -10.99 -5.27
CA ARG A 347 8.89 -12.09 -4.69
C ARG A 347 8.68 -13.17 -5.75
N ARG A 348 8.59 -14.42 -5.30
CA ARG A 348 8.56 -15.65 -6.13
C ARG A 348 7.32 -15.65 -7.03
N ASP A 349 6.19 -15.18 -6.49
CA ASP A 349 4.88 -15.21 -7.18
C ASP A 349 3.96 -14.21 -6.46
N ALA A 350 2.73 -14.05 -6.92
CA ALA A 350 1.85 -12.94 -6.50
C ALA A 350 1.62 -12.97 -4.98
N GLN A 351 1.38 -14.15 -4.41
CA GLN A 351 0.94 -14.29 -3.00
C GLN A 351 2.16 -14.45 -2.07
N ALA A 352 3.32 -14.83 -2.63
CA ALA A 352 4.54 -15.08 -1.83
C ALA A 352 4.92 -13.79 -1.09
N ARG A 353 5.32 -13.90 0.17
CA ARG A 353 5.55 -12.71 1.02
C ARG A 353 7.04 -12.56 1.35
N VAL A 354 7.92 -13.37 0.77
CA VAL A 354 9.34 -13.40 1.18
C VAL A 354 10.18 -12.64 0.16
N LEU A 355 10.67 -11.46 0.56
CA LEU A 355 11.48 -10.55 -0.30
C LEU A 355 12.85 -11.19 -0.54
N GLY A 356 13.29 -11.29 -1.79
CA GLY A 356 14.60 -11.86 -2.16
C GLY A 356 14.50 -13.31 -2.61
N GLU A 357 13.29 -13.88 -2.74
CA GLU A 357 13.10 -15.21 -3.39
C GLU A 357 13.13 -15.07 -4.92
N ALA A 358 13.02 -13.84 -5.44
CA ALA A 358 13.27 -13.48 -6.87
C ALA A 358 14.38 -12.43 -6.94
N HIS B 8 -31.81 -14.08 -7.24
CA HIS B 8 -31.23 -12.94 -6.46
C HIS B 8 -30.35 -13.48 -5.32
N HIS B 9 -29.54 -14.51 -5.61
CA HIS B 9 -28.58 -15.16 -4.67
C HIS B 9 -27.17 -14.58 -4.91
N HIS B 10 -26.30 -14.65 -3.90
CA HIS B 10 -24.87 -14.27 -4.01
C HIS B 10 -24.17 -15.25 -4.95
N SER B 11 -23.31 -14.74 -5.82
CA SER B 11 -22.40 -15.57 -6.66
C SER B 11 -21.17 -14.74 -7.00
N SER B 12 -20.06 -15.41 -7.27
CA SER B 12 -18.82 -14.76 -7.75
C SER B 12 -18.11 -15.72 -8.70
N GLY B 13 -17.24 -15.19 -9.55
CA GLY B 13 -16.47 -16.05 -10.44
C GLY B 13 -15.47 -15.26 -11.24
N LEU B 14 -14.63 -16.01 -11.94
CA LEU B 14 -13.52 -15.50 -12.77
C LEU B 14 -14.03 -15.51 -14.20
N VAL B 15 -13.94 -14.39 -14.89
CA VAL B 15 -14.33 -14.29 -16.32
C VAL B 15 -13.05 -14.00 -17.10
N PRO B 16 -12.56 -14.94 -17.91
CA PRO B 16 -11.31 -14.73 -18.65
C PRO B 16 -11.49 -13.82 -19.86
N ARG B 17 -10.40 -13.16 -20.27
CA ARG B 17 -10.26 -12.42 -21.55
C ARG B 17 -8.93 -12.82 -22.17
N GLY B 18 -8.94 -13.38 -23.38
CA GLY B 18 -7.74 -14.00 -23.99
C GLY B 18 -7.07 -14.95 -23.02
N SER B 19 -5.77 -14.80 -22.79
CA SER B 19 -4.95 -15.65 -21.89
C SER B 19 -5.02 -15.18 -20.44
N HIS B 20 -5.77 -14.10 -20.16
CA HIS B 20 -5.88 -13.50 -18.81
C HIS B 20 -7.01 -14.23 -18.06
N MET B 21 -6.67 -15.27 -17.28
CA MET B 21 -7.66 -16.23 -16.74
C MET B 21 -8.46 -15.59 -15.60
N THR B 22 -7.91 -14.56 -14.95
CA THR B 22 -8.60 -13.81 -13.86
C THR B 22 -8.80 -12.36 -14.28
N ALA B 23 -8.89 -12.08 -15.59
CA ALA B 23 -9.04 -10.70 -16.11
C ALA B 23 -10.16 -10.01 -15.32
N ILE B 24 -11.35 -10.59 -15.32
CA ILE B 24 -12.54 -10.00 -14.64
C ILE B 24 -12.90 -10.87 -13.45
N ARG B 25 -12.92 -10.28 -12.26
CA ARG B 25 -13.45 -10.91 -11.05
C ARG B 25 -14.85 -10.32 -10.83
N GLU B 26 -15.87 -11.14 -10.99
CA GLU B 26 -17.27 -10.67 -10.94
C GLU B 26 -17.91 -11.16 -9.64
N ILE B 27 -18.62 -10.25 -8.97
CA ILE B 27 -19.39 -10.53 -7.72
C ILE B 27 -20.82 -10.11 -8.00
N ARG B 28 -21.79 -10.97 -7.74
CA ARG B 28 -23.22 -10.59 -7.79
C ARG B 28 -23.73 -10.54 -6.35
N LEU B 29 -24.18 -9.36 -5.90
CA LEU B 29 -24.77 -9.24 -4.55
C LEU B 29 -26.11 -9.97 -4.51
N SER B 30 -26.38 -10.65 -3.40
CA SER B 30 -27.75 -11.09 -3.02
C SER B 30 -28.58 -9.85 -2.68
N GLU B 31 -29.91 -9.97 -2.66
CA GLU B 31 -30.81 -8.87 -2.22
C GLU B 31 -30.39 -8.43 -0.82
N PRO B 32 -30.21 -9.34 0.17
CA PRO B 32 -29.77 -8.91 1.50
C PRO B 32 -28.42 -8.17 1.53
N GLU B 33 -27.45 -8.59 0.72
CA GLU B 33 -26.14 -7.92 0.62
C GLU B 33 -26.30 -6.51 0.04
N SER B 34 -27.11 -6.37 -1.01
CA SER B 34 -27.40 -5.08 -1.65
C SER B 34 -28.03 -4.13 -0.61
N ALA B 35 -28.99 -4.61 0.17
CA ALA B 35 -29.69 -3.83 1.21
C ALA B 35 -28.72 -3.42 2.33
N GLN B 36 -27.84 -4.34 2.76
CA GLN B 36 -26.83 -4.11 3.82
C GLN B 36 -25.90 -2.95 3.37
N ALA B 37 -25.40 -3.02 2.14
CA ALA B 37 -24.49 -1.99 1.57
C ALA B 37 -25.22 -0.65 1.49
N ALA B 38 -26.48 -0.66 1.05
CA ALA B 38 -27.31 0.55 0.89
C ALA B 38 -27.52 1.19 2.26
N LEU B 39 -27.88 0.39 3.27
CA LEU B 39 -28.14 0.87 4.65
C LEU B 39 -26.86 1.51 5.22
N LEU B 40 -25.70 0.87 5.02
CA LEU B 40 -24.40 1.43 5.49
C LEU B 40 -24.14 2.79 4.82
N ALA B 41 -24.32 2.88 3.51
CA ALA B 41 -24.10 4.15 2.75
C ALA B 41 -25.07 5.22 3.26
N LEU B 42 -26.33 4.88 3.47
CA LEU B 42 -27.37 5.83 3.94
C LEU B 42 -27.03 6.31 5.35
N GLU B 43 -26.56 5.42 6.22
CA GLU B 43 -26.09 5.78 7.58
C GLU B 43 -24.92 6.75 7.49
N CYS B 44 -23.94 6.48 6.61
CA CYS B 44 -22.77 7.39 6.43
C CYS B 44 -23.26 8.77 5.97
N ALA B 45 -24.20 8.82 5.04
CA ALA B 45 -24.75 10.08 4.47
C ALA B 45 -25.46 10.89 5.56
N GLN B 46 -25.97 10.24 6.61
CA GLN B 46 -26.64 10.90 7.76
C GLN B 46 -25.62 11.46 8.76
N ARG B 47 -24.43 10.86 8.85
CA ARG B 47 -23.46 11.13 9.96
C ARG B 47 -22.27 11.97 9.49
N TYR B 48 -22.00 12.02 8.18
CA TYR B 48 -20.82 12.73 7.63
C TYR B 48 -21.28 13.74 6.59
N ALA B 49 -20.54 14.83 6.47
CA ALA B 49 -20.81 15.97 5.57
C ALA B 49 -20.82 15.47 4.12
N GLU B 50 -19.72 14.86 3.67
CA GLU B 50 -19.49 14.56 2.22
C GLU B 50 -18.81 13.20 2.08
N PRO B 51 -18.99 12.54 0.93
CA PRO B 51 -18.26 11.28 0.68
C PRO B 51 -16.74 11.48 0.63
N ASP B 52 -16.24 12.71 0.51
CA ASP B 52 -14.76 12.92 0.56
C ASP B 52 -14.39 14.03 1.55
N SER B 53 -15.21 14.26 2.56
CA SER B 53 -14.85 15.18 3.67
C SER B 53 -13.86 14.47 4.60
N ALA B 54 -13.02 15.25 5.30
CA ALA B 54 -11.94 14.73 6.16
C ALA B 54 -12.51 13.80 7.23
N ASP B 55 -13.66 14.15 7.82
CA ASP B 55 -14.36 13.39 8.89
C ASP B 55 -14.68 11.98 8.37
N PHE B 56 -15.21 11.88 7.15
CA PHE B 56 -15.60 10.57 6.59
C PHE B 56 -14.35 9.78 6.22
N LEU B 57 -13.41 10.41 5.54
CA LEU B 57 -12.23 9.69 4.99
C LEU B 57 -11.36 9.16 6.13
N ALA B 58 -11.32 9.84 7.28
CA ALA B 58 -10.57 9.32 8.45
C ALA B 58 -11.18 7.98 8.92
N ASP B 59 -12.47 7.76 8.68
CA ASP B 59 -13.23 6.59 9.20
C ASP B 59 -13.49 5.57 8.08
N ALA B 60 -13.30 5.94 6.80
CA ALA B 60 -13.85 5.17 5.66
C ALA B 60 -13.34 3.73 5.68
N ALA B 61 -12.06 3.52 5.96
CA ALA B 61 -11.44 2.17 5.87
C ALA B 61 -12.05 1.25 6.94
N VAL B 62 -12.45 1.78 8.10
CA VAL B 62 -13.07 0.98 9.19
C VAL B 62 -14.54 0.75 8.87
N LEU B 63 -15.27 1.78 8.42
CA LEU B 63 -16.69 1.63 8.01
C LEU B 63 -16.80 0.62 6.87
N ALA B 64 -15.82 0.56 5.96
CA ALA B 64 -15.83 -0.38 4.82
C ALA B 64 -15.90 -1.84 5.32
N HIS B 65 -15.35 -2.13 6.50
CA HIS B 65 -15.36 -3.47 7.16
C HIS B 65 -16.77 -3.92 7.52
N ASP B 66 -17.76 -3.02 7.49
CA ASP B 66 -19.18 -3.34 7.76
C ASP B 66 -19.90 -3.77 6.46
N LEU B 67 -19.23 -3.70 5.31
CA LEU B 67 -19.83 -4.23 4.06
C LEU B 67 -19.97 -5.75 4.22
N PRO B 68 -20.86 -6.41 3.43
CA PRO B 68 -21.07 -7.85 3.56
C PRO B 68 -19.77 -8.66 3.49
N ARG B 69 -19.60 -9.59 4.42
CA ARG B 69 -18.36 -10.40 4.60
C ARG B 69 -18.01 -11.16 3.31
N ALA B 70 -18.99 -11.79 2.65
CA ALA B 70 -18.73 -12.61 1.44
C ALA B 70 -18.15 -11.72 0.35
N VAL B 71 -18.67 -10.50 0.23
CA VAL B 71 -18.16 -9.49 -0.74
C VAL B 71 -16.73 -9.08 -0.34
N ARG B 72 -16.49 -8.82 0.94
CA ARG B 72 -15.15 -8.39 1.43
C ARG B 72 -14.12 -9.49 1.12
N ARG B 73 -14.46 -10.76 1.30
CA ARG B 73 -13.51 -11.86 0.99
C ARG B 73 -13.13 -11.83 -0.50
N GLU B 74 -14.10 -11.61 -1.38
CA GLU B 74 -13.89 -11.64 -2.84
C GLU B 74 -13.11 -10.38 -3.26
N VAL B 75 -13.39 -9.25 -2.61
CA VAL B 75 -12.66 -7.98 -2.95
C VAL B 75 -11.20 -8.14 -2.53
N GLU B 76 -10.95 -8.74 -1.37
CA GLU B 76 -9.57 -8.96 -0.87
C GLU B 76 -8.81 -9.89 -1.82
N ARG B 77 -9.44 -10.92 -2.39
CA ARG B 77 -8.79 -11.79 -3.39
C ARG B 77 -8.42 -10.96 -4.62
N ALA B 78 -9.30 -10.07 -5.05
CA ALA B 78 -9.02 -9.20 -6.23
C ALA B 78 -7.84 -8.27 -5.92
N ARG B 79 -7.80 -7.71 -4.70
CA ARG B 79 -6.78 -6.71 -4.30
C ARG B 79 -5.36 -7.32 -4.42
N LEU B 80 -5.20 -8.60 -4.13
CA LEU B 80 -3.86 -9.25 -4.18
C LEU B 80 -3.65 -10.01 -5.48
N ASP B 81 -4.57 -9.91 -6.43
CA ASP B 81 -4.41 -10.58 -7.76
C ASP B 81 -3.65 -9.63 -8.68
N ASP B 82 -2.35 -9.84 -8.86
CA ASP B 82 -1.50 -8.91 -9.64
C ASP B 82 -1.69 -9.10 -11.14
N ARG B 83 -2.64 -9.95 -11.58
CA ARG B 83 -3.00 -10.08 -13.02
C ARG B 83 -4.45 -9.62 -13.24
N LEU B 84 -5.09 -9.03 -12.22
CA LEU B 84 -6.47 -8.51 -12.35
C LEU B 84 -6.54 -7.42 -13.44
N HIS B 85 -7.59 -7.44 -14.25
CA HIS B 85 -7.99 -6.28 -15.10
C HIS B 85 -9.05 -5.46 -14.37
N ALA B 86 -10.17 -6.09 -14.02
CA ALA B 86 -11.35 -5.38 -13.46
C ALA B 86 -12.01 -6.26 -12.39
N LEU B 87 -12.22 -5.69 -11.23
CA LEU B 87 -13.18 -6.21 -10.22
C LEU B 87 -14.54 -5.58 -10.52
N VAL B 88 -15.59 -6.39 -10.65
CA VAL B 88 -16.93 -5.87 -10.95
C VAL B 88 -17.89 -6.40 -9.88
N VAL B 89 -18.55 -5.49 -9.18
CA VAL B 89 -19.55 -5.83 -8.14
C VAL B 89 -20.90 -5.39 -8.70
N ARG B 90 -21.76 -6.35 -9.01
CA ARG B 90 -23.06 -6.05 -9.66
C ARG B 90 -24.19 -6.16 -8.63
N GLY B 91 -25.19 -5.30 -8.76
CA GLY B 91 -26.48 -5.51 -8.06
C GLY B 91 -26.66 -4.60 -6.85
N ASN B 92 -25.97 -3.47 -6.76
CA ASN B 92 -26.27 -2.47 -5.71
C ASN B 92 -27.61 -1.80 -6.01
N ASP B 93 -28.29 -1.35 -4.95
CA ASP B 93 -29.58 -0.64 -5.03
C ASP B 93 -29.36 0.76 -5.61
N VAL B 94 -30.08 1.14 -6.65
CA VAL B 94 -30.17 2.56 -7.12
C VAL B 94 -31.65 2.87 -7.30
N ASP B 95 -32.16 3.81 -6.50
CA ASP B 95 -33.55 4.29 -6.60
C ASP B 95 -33.58 5.35 -7.71
N GLN B 96 -34.00 4.95 -8.92
CA GLN B 96 -33.95 5.81 -10.12
C GLN B 96 -34.88 7.02 -9.95
N ASP B 97 -36.07 6.82 -9.38
CA ASP B 97 -37.07 7.91 -9.20
C ASP B 97 -36.47 8.98 -8.29
N ALA B 98 -35.86 8.57 -7.17
CA ALA B 98 -35.33 9.48 -6.12
C ALA B 98 -34.06 10.18 -6.62
N LEU B 99 -33.27 9.52 -7.46
CA LEU B 99 -32.00 10.05 -8.00
C LEU B 99 -32.27 11.31 -8.84
N GLY B 100 -33.36 11.30 -9.62
CA GLY B 100 -33.71 12.42 -10.50
C GLY B 100 -32.88 12.42 -11.76
N PRO B 101 -32.93 13.51 -12.57
CA PRO B 101 -32.28 13.53 -13.87
C PRO B 101 -30.75 13.57 -13.77
N THR B 102 -30.09 13.06 -14.81
CA THR B 102 -28.64 13.19 -15.04
C THR B 102 -28.29 14.66 -15.22
N PRO B 103 -27.42 15.23 -14.35
CA PRO B 103 -27.03 16.63 -14.50
C PRO B 103 -26.38 16.95 -15.83
N PRO B 104 -26.49 18.22 -16.30
CA PRO B 104 -25.91 18.65 -17.56
C PRO B 104 -24.39 18.90 -17.56
N HIS B 105 -23.78 18.91 -16.37
CA HIS B 105 -22.35 19.22 -16.18
C HIS B 105 -21.91 18.64 -14.85
N TRP B 106 -20.65 18.22 -14.74
CA TRP B 106 -20.11 17.73 -13.44
C TRP B 106 -20.22 18.84 -12.39
N ARG B 107 -20.15 20.12 -12.77
CA ARG B 107 -20.22 21.24 -11.79
C ARG B 107 -21.57 21.22 -11.07
N GLN B 108 -22.58 20.56 -11.64
CA GLN B 108 -23.96 20.50 -11.10
C GLN B 108 -24.31 19.09 -10.63
N ALA B 109 -23.30 18.20 -10.47
CA ALA B 109 -23.53 16.75 -10.32
C ALA B 109 -23.34 16.28 -8.89
N ARG B 110 -22.81 17.10 -7.98
CA ARG B 110 -22.68 16.70 -6.57
C ARG B 110 -24.01 17.01 -5.88
N THR B 111 -25.03 16.21 -6.20
CA THR B 111 -26.44 16.46 -5.80
C THR B 111 -26.72 15.78 -4.48
N ALA B 112 -27.68 16.30 -3.72
CA ALA B 112 -28.13 15.67 -2.45
C ALA B 112 -28.60 14.23 -2.73
N ALA B 113 -29.38 14.02 -3.79
CA ALA B 113 -30.02 12.73 -4.12
C ALA B 113 -28.96 11.69 -4.47
N SER B 114 -27.81 12.10 -5.00
CA SER B 114 -26.76 11.14 -5.43
C SER B 114 -25.70 10.92 -4.35
N ARG B 115 -25.77 11.62 -3.21
CA ARG B 115 -24.74 11.52 -2.14
C ARG B 115 -24.54 10.06 -1.73
N ARG B 116 -25.63 9.32 -1.51
CA ARG B 116 -25.55 7.93 -0.97
C ARG B 116 -24.66 7.07 -1.88
N TYR B 117 -24.63 7.34 -3.20
CA TYR B 117 -23.84 6.55 -4.18
C TYR B 117 -22.36 6.93 -4.11
N GLY B 118 -22.06 8.22 -3.87
CA GLY B 118 -20.68 8.64 -3.58
C GLY B 118 -20.14 7.96 -2.33
N PHE B 119 -20.93 7.95 -1.25
CA PHE B 119 -20.53 7.28 0.01
C PHE B 119 -20.26 5.79 -0.27
N LEU B 120 -21.16 5.10 -0.98
CA LEU B 120 -21.00 3.65 -1.22
C LEU B 120 -19.76 3.41 -2.09
N LEU B 121 -19.52 4.22 -3.11
CA LEU B 121 -18.31 4.06 -3.95
C LEU B 121 -17.07 4.17 -3.06
N VAL B 122 -17.00 5.16 -2.17
CA VAL B 122 -15.83 5.34 -1.27
C VAL B 122 -15.70 4.12 -0.34
N LEU B 123 -16.80 3.60 0.18
CA LEU B 123 -16.77 2.40 1.08
C LEU B 123 -16.17 1.23 0.32
N TYR B 124 -16.64 0.91 -0.89
CA TYR B 124 -16.04 -0.19 -1.70
C TYR B 124 -14.57 0.11 -1.96
N ALA B 125 -14.25 1.35 -2.36
CA ALA B 125 -12.88 1.75 -2.77
C ALA B 125 -11.93 1.53 -1.60
N SER B 126 -12.40 1.80 -0.38
CA SER B 126 -11.57 1.79 0.84
C SER B 126 -11.20 0.36 1.25
N LEU B 127 -11.82 -0.67 0.66
CA LEU B 127 -11.37 -2.08 0.81
C LEU B 127 -10.08 -2.29 0.01
N LEU B 128 -9.80 -1.47 -1.01
CA LEU B 128 -8.66 -1.67 -1.95
C LEU B 128 -7.48 -0.76 -1.59
N GLY B 129 -7.73 0.37 -0.94
CA GLY B 129 -6.70 1.36 -0.62
C GLY B 129 -7.33 2.68 -0.24
N ASP B 130 -6.59 3.76 -0.46
CA ASP B 130 -6.99 5.10 0.03
C ASP B 130 -7.40 5.94 -1.17
N VAL B 131 -8.51 6.66 -1.05
CA VAL B 131 -9.06 7.43 -2.19
C VAL B 131 -8.29 8.75 -2.33
N VAL B 132 -8.04 9.16 -3.57
CA VAL B 132 -7.30 10.40 -3.91
C VAL B 132 -8.01 11.08 -5.09
N GLY B 133 -7.76 12.37 -5.22
CA GLY B 133 -8.19 13.17 -6.38
C GLY B 133 -7.03 13.98 -6.90
N TRP B 134 -7.32 14.86 -7.87
CA TRP B 134 -6.29 15.61 -8.63
C TRP B 134 -6.73 17.07 -8.68
N ALA B 135 -5.83 18.00 -8.37
CA ALA B 135 -6.17 19.43 -8.25
C ALA B 135 -6.72 19.93 -9.59
N THR B 136 -6.25 19.38 -10.72
CA THR B 136 -6.63 19.87 -12.07
C THR B 136 -7.93 19.23 -12.57
N GLN B 137 -8.50 18.25 -11.86
CA GLN B 137 -9.66 17.46 -12.37
C GLN B 137 -10.89 17.71 -11.49
N GLN B 138 -11.96 18.26 -12.08
CA GLN B 138 -13.26 18.51 -11.39
C GLN B 138 -13.02 19.16 -10.02
N ASP B 139 -12.22 20.23 -10.00
CA ASP B 139 -12.00 21.11 -8.82
C ASP B 139 -11.44 20.30 -7.64
N GLY B 140 -10.67 19.24 -7.91
CA GLY B 140 -10.00 18.44 -6.87
C GLY B 140 -10.96 17.55 -6.08
N ARG B 141 -12.16 17.31 -6.61
CA ARG B 141 -13.11 16.35 -6.01
C ARG B 141 -12.49 14.95 -6.02
N VAL B 142 -12.65 14.21 -4.94
CA VAL B 142 -12.23 12.78 -4.90
C VAL B 142 -13.31 11.95 -5.59
N VAL B 143 -14.58 12.13 -5.22
CA VAL B 143 -15.72 11.52 -5.94
C VAL B 143 -16.08 12.43 -7.11
N THR B 144 -15.75 12.01 -8.32
CA THR B 144 -16.01 12.78 -9.56
C THR B 144 -17.22 12.19 -10.28
N ASP B 145 -17.64 12.88 -11.34
CA ASP B 145 -18.86 12.55 -12.11
C ASP B 145 -18.50 12.35 -13.58
N VAL B 146 -18.96 11.24 -14.14
CA VAL B 146 -18.81 10.92 -15.59
C VAL B 146 -20.20 11.03 -16.22
N LEU B 147 -20.37 12.02 -17.07
CA LEU B 147 -21.65 12.23 -17.78
C LEU B 147 -21.35 13.07 -19.01
N PRO B 148 -22.18 12.95 -20.07
CA PRO B 148 -21.92 13.67 -21.30
C PRO B 148 -22.28 15.15 -21.13
N ILE B 149 -21.44 16.03 -21.64
CA ILE B 149 -21.68 17.50 -21.62
C ILE B 149 -21.92 18.00 -23.05
N GLU B 150 -23.07 18.64 -23.26
CA GLU B 150 -23.48 19.30 -24.53
C GLU B 150 -22.42 20.34 -24.89
N GLY B 151 -21.86 20.27 -26.11
CA GLY B 151 -20.80 21.17 -26.59
C GLY B 151 -19.41 20.58 -26.40
N GLN B 152 -19.33 19.38 -25.82
CA GLN B 152 -18.06 18.61 -25.67
C GLN B 152 -18.27 17.18 -26.19
N GLU B 153 -19.21 16.99 -27.13
CA GLU B 153 -19.48 15.70 -27.81
C GLU B 153 -18.20 15.16 -28.45
N ASP B 154 -17.44 16.04 -29.11
CA ASP B 154 -16.12 15.77 -29.74
C ASP B 154 -15.02 16.39 -28.85
N SER B 155 -14.91 15.90 -27.61
CA SER B 155 -13.81 16.22 -26.66
C SER B 155 -13.01 14.95 -26.35
N LEU B 156 -11.77 15.12 -25.87
CA LEU B 156 -10.82 14.02 -25.56
C LEU B 156 -10.96 13.61 -24.08
N VAL B 157 -11.99 14.10 -23.39
CA VAL B 157 -12.20 13.92 -21.92
C VAL B 157 -13.49 13.12 -21.68
N SER B 158 -13.75 12.74 -20.41
CA SER B 158 -14.80 11.77 -19.99
C SER B 158 -16.22 12.32 -20.21
N SER B 159 -16.36 13.60 -20.57
CA SER B 159 -17.67 14.27 -20.85
C SER B 159 -18.03 14.13 -22.33
N SER B 160 -17.17 13.46 -23.12
CA SER B 160 -17.40 13.15 -24.55
C SER B 160 -18.57 12.17 -24.69
N SER B 161 -19.03 12.00 -25.94
CA SER B 161 -20.08 11.03 -26.35
C SER B 161 -19.80 10.53 -27.77
N SER B 162 -19.94 11.40 -28.78
CA SER B 162 -19.89 11.06 -30.23
C SER B 162 -18.52 10.51 -30.64
N VAL B 163 -17.46 10.85 -29.89
CA VAL B 163 -16.05 10.54 -30.25
C VAL B 163 -15.46 9.56 -29.22
N GLU B 164 -14.64 8.62 -29.71
CA GLU B 164 -13.93 7.59 -28.90
C GLU B 164 -12.93 8.29 -27.96
N LEU B 165 -13.21 8.27 -26.66
CA LEU B 165 -12.22 8.56 -25.59
C LEU B 165 -11.04 7.59 -25.78
N GLY B 166 -9.93 8.11 -26.33
CA GLY B 166 -8.68 7.38 -26.63
C GLY B 166 -8.07 6.79 -25.37
N TRP B 167 -7.59 5.54 -25.45
CA TRP B 167 -7.31 4.70 -24.26
C TRP B 167 -5.95 5.06 -23.67
N HIS B 168 -5.82 4.87 -22.35
CA HIS B 168 -4.58 5.21 -21.61
C HIS B 168 -4.63 4.59 -20.22
N THR B 169 -3.46 4.40 -19.65
CA THR B 169 -3.29 4.32 -18.18
C THR B 169 -3.76 5.65 -17.60
N GLU B 170 -4.57 5.63 -16.54
CA GLU B 170 -5.04 6.89 -15.88
C GLU B 170 -3.81 7.62 -15.32
N ASP B 171 -3.66 8.91 -15.69
CA ASP B 171 -2.58 9.81 -15.25
C ASP B 171 -1.22 9.16 -15.51
N ALA B 172 -1.02 8.62 -16.72
CA ALA B 172 0.16 7.81 -17.10
C ALA B 172 1.46 8.56 -16.82
N PHE B 173 1.47 9.88 -17.02
CA PHE B 173 2.68 10.73 -16.89
C PHE B 173 3.18 10.75 -15.44
N SER B 174 2.30 10.50 -14.45
CA SER B 174 2.53 10.84 -13.03
C SER B 174 3.06 9.65 -12.22
N PRO B 175 4.10 9.85 -11.38
CA PRO B 175 4.52 8.83 -10.42
C PRO B 175 3.47 8.57 -9.33
N TYR B 176 2.48 9.45 -9.22
CA TYR B 176 1.39 9.33 -8.21
C TYR B 176 0.11 8.78 -8.82
N ARG B 177 0.15 8.31 -10.07
CA ARG B 177 -1.04 7.73 -10.75
C ARG B 177 -1.65 6.65 -9.86
N ALA B 178 -2.98 6.54 -9.93
CA ALA B 178 -3.81 5.62 -9.14
C ALA B 178 -3.43 4.16 -9.39
N ASP B 179 -3.63 3.33 -8.37
CA ASP B 179 -3.56 1.86 -8.50
C ASP B 179 -4.90 1.34 -9.04
N TYR B 180 -6.02 1.92 -8.63
CA TYR B 180 -7.33 1.53 -9.18
C TYR B 180 -8.10 2.77 -9.62
N VAL B 181 -8.88 2.59 -10.68
CA VAL B 181 -9.95 3.55 -11.05
C VAL B 181 -11.28 2.87 -10.76
N GLY B 182 -12.11 3.51 -9.93
CA GLY B 182 -13.44 3.01 -9.56
C GLY B 182 -14.55 3.75 -10.27
N LEU B 183 -15.57 3.00 -10.69
CA LEU B 183 -16.76 3.52 -11.39
C LEU B 183 -17.99 2.94 -10.72
N PHE B 184 -18.95 3.78 -10.36
CA PHE B 184 -20.27 3.36 -9.83
C PHE B 184 -21.32 3.86 -10.81
N SER B 185 -21.94 2.93 -11.53
CA SER B 185 -22.95 3.27 -12.56
C SER B 185 -24.28 3.60 -11.87
N LEU B 186 -24.79 4.81 -12.09
CA LEU B 186 -26.10 5.26 -11.54
C LEU B 186 -27.18 5.00 -12.58
N ARG B 187 -26.85 5.19 -13.85
CA ARG B 187 -27.77 4.82 -14.94
C ARG B 187 -26.97 4.73 -16.24
N ASN B 188 -27.44 3.86 -17.10
CA ASN B 188 -26.72 3.49 -18.34
C ASN B 188 -27.74 2.83 -19.26
N PRO B 189 -28.78 3.57 -19.70
CA PRO B 189 -29.90 2.97 -20.40
C PRO B 189 -29.50 2.31 -21.73
N ASP B 190 -28.46 2.80 -22.40
CA ASP B 190 -28.03 2.27 -23.72
C ASP B 190 -26.81 1.35 -23.57
N SER B 191 -26.49 0.90 -22.36
CA SER B 191 -25.45 -0.13 -22.14
C SER B 191 -24.13 0.29 -22.77
N VAL B 192 -23.69 1.53 -22.51
CA VAL B 192 -22.39 2.08 -23.00
C VAL B 192 -21.26 1.49 -22.17
N ALA B 193 -20.16 1.16 -22.84
CA ALA B 193 -19.03 0.40 -22.26
C ALA B 193 -17.85 1.31 -21.94
N THR B 194 -17.07 0.91 -20.94
CA THR B 194 -15.64 1.25 -20.78
C THR B 194 -14.83 0.25 -21.58
N THR B 195 -13.85 0.70 -22.36
CA THR B 195 -12.91 -0.21 -23.06
C THR B 195 -11.73 -0.48 -22.13
N VAL B 196 -11.21 -1.70 -22.18
CA VAL B 196 -10.11 -2.17 -21.29
C VAL B 196 -9.15 -3.00 -22.15
N ALA B 197 -7.84 -2.89 -21.92
CA ALA B 197 -6.85 -3.81 -22.50
C ALA B 197 -5.65 -3.95 -21.56
N GLY B 198 -5.15 -5.18 -21.45
CA GLY B 198 -3.87 -5.52 -20.83
C GLY B 198 -2.91 -6.05 -21.86
N LEU B 199 -1.63 -6.10 -21.51
CA LEU B 199 -0.58 -6.73 -22.35
C LEU B 199 -0.59 -8.23 -22.08
N ASP B 200 -0.70 -9.04 -23.14
CA ASP B 200 -0.34 -10.47 -23.11
C ASP B 200 1.08 -10.62 -23.67
N PRO B 201 2.10 -10.80 -22.82
CA PRO B 201 3.50 -10.86 -23.28
C PRO B 201 3.77 -12.04 -24.23
N ASP B 202 2.92 -13.08 -24.20
CA ASP B 202 3.03 -14.27 -25.09
C ASP B 202 2.57 -13.93 -26.52
N LEU B 203 1.96 -12.76 -26.74
CA LEU B 203 1.54 -12.33 -28.10
C LEU B 203 2.52 -11.31 -28.67
N VAL B 204 3.56 -10.92 -27.93
CA VAL B 204 4.51 -9.85 -28.36
C VAL B 204 5.92 -10.45 -28.39
N GLY B 205 6.71 -10.08 -29.40
CA GLY B 205 8.13 -10.47 -29.50
C GLY B 205 8.86 -10.15 -28.21
N PRO B 206 9.57 -11.12 -27.59
CA PRO B 206 10.38 -10.86 -26.40
C PRO B 206 11.30 -9.64 -26.53
N ALA B 207 11.85 -9.40 -27.73
CA ALA B 207 12.74 -8.25 -28.03
C ALA B 207 11.98 -6.94 -27.82
N VAL B 208 10.72 -6.87 -28.26
CA VAL B 208 9.87 -5.66 -28.09
C VAL B 208 9.61 -5.51 -26.59
N VAL B 209 9.30 -6.60 -25.88
CA VAL B 209 9.05 -6.54 -24.42
C VAL B 209 10.30 -5.99 -23.72
N ASP B 210 11.50 -6.46 -24.08
CA ASP B 210 12.78 -5.96 -23.49
C ASP B 210 12.91 -4.45 -23.70
N VAL B 211 12.54 -3.94 -24.88
CA VAL B 211 12.65 -2.50 -25.20
C VAL B 211 11.68 -1.71 -24.30
N LEU B 212 10.47 -2.21 -24.11
CA LEU B 212 9.42 -1.53 -23.32
C LEU B 212 9.80 -1.42 -21.84
N PHE B 213 10.68 -2.31 -21.34
CA PHE B 213 11.21 -2.26 -19.95
C PHE B 213 12.31 -1.19 -19.82
N GLY B 214 12.86 -0.73 -20.94
CA GLY B 214 13.90 0.33 -20.95
C GLY B 214 13.33 1.71 -20.71
N GLU B 215 14.08 2.59 -20.05
CA GLU B 215 13.68 4.00 -19.81
C GLU B 215 13.97 4.76 -21.10
N ARG B 216 13.12 4.57 -22.11
CA ARG B 216 13.37 5.01 -23.52
C ARG B 216 12.15 5.77 -24.05
N PHE B 217 11.25 6.20 -23.18
CA PHE B 217 9.96 6.81 -23.56
C PHE B 217 9.71 8.09 -22.77
N HIS B 218 8.92 8.97 -23.38
CA HIS B 218 8.35 10.17 -22.74
C HIS B 218 6.83 9.98 -22.65
N ILE B 219 6.29 10.07 -21.44
CA ILE B 219 4.83 10.12 -21.21
C ILE B 219 4.49 11.51 -20.68
N ARG B 220 3.81 12.31 -21.49
CA ARG B 220 3.45 13.71 -21.19
C ARG B 220 2.05 13.76 -20.60
N PRO B 221 1.74 14.76 -19.75
CA PRO B 221 0.37 14.97 -19.30
C PRO B 221 -0.54 15.35 -20.47
N ASP B 222 -1.83 15.02 -20.38
CA ASP B 222 -2.92 15.72 -21.09
C ASP B 222 -2.89 17.21 -20.70
N ASN B 223 -3.38 18.10 -21.57
CA ASN B 223 -3.57 19.56 -21.30
C ASN B 223 -4.49 19.75 -20.09
N SER B 224 -5.25 18.71 -19.71
CA SER B 224 -6.01 18.61 -18.44
C SER B 224 -5.14 19.13 -17.28
N HIS B 225 -3.94 18.57 -17.13
CA HIS B 225 -3.00 18.82 -16.00
C HIS B 225 -2.23 20.13 -16.23
N SER B 236 4.81 27.35 -7.75
CA SER B 236 4.30 26.04 -7.26
C SER B 236 5.30 24.93 -7.61
N ASP B 237 5.85 24.24 -6.62
CA ASP B 237 6.86 23.15 -6.80
C ASP B 237 6.23 21.99 -7.58
N TYR B 238 4.96 21.66 -7.32
CA TYR B 238 4.21 20.59 -8.04
C TYR B 238 4.03 20.97 -9.51
N PHE B 239 3.37 22.11 -9.78
CA PHE B 239 2.98 22.60 -11.13
C PHE B 239 4.23 22.99 -11.94
N ALA B 240 5.33 23.33 -11.27
CA ALA B 240 6.67 23.48 -11.88
C ALA B 240 7.08 22.17 -12.54
N GLY B 241 6.78 21.04 -11.87
CA GLY B 241 7.01 19.67 -12.37
C GLY B 241 6.13 19.33 -13.57
N ILE B 242 4.93 19.92 -13.67
CA ILE B 242 3.92 19.67 -14.75
C ILE B 242 4.37 20.38 -16.04
N VAL B 243 4.92 21.58 -15.93
CA VAL B 243 5.50 22.35 -17.07
C VAL B 243 6.73 21.60 -17.59
N GLU B 244 7.61 21.18 -16.66
CA GLU B 244 8.84 20.39 -16.96
C GLU B 244 8.47 19.05 -17.60
N ALA B 245 7.33 18.46 -17.20
CA ALA B 245 6.84 17.14 -17.67
C ALA B 245 6.46 17.21 -19.16
N VAL B 246 6.01 18.40 -19.62
CA VAL B 246 5.61 18.68 -21.02
C VAL B 246 6.87 19.06 -21.82
N GLU B 247 7.71 19.94 -21.27
CA GLU B 247 8.84 20.58 -21.98
C GLU B 247 10.10 19.70 -21.91
N ASN B 248 10.44 19.15 -20.74
CA ASN B 248 11.67 18.35 -20.51
C ASN B 248 11.33 16.98 -19.91
N PRO B 249 10.45 16.18 -20.54
CA PRO B 249 9.94 14.95 -19.92
C PRO B 249 11.08 14.01 -19.51
N ARG B 250 10.94 13.35 -18.35
CA ARG B 250 11.89 12.32 -17.89
C ARG B 250 11.79 11.12 -18.83
N ALA B 251 12.91 10.45 -19.10
CA ALA B 251 12.96 9.13 -19.75
C ALA B 251 12.35 8.10 -18.79
N VAL B 252 11.26 7.45 -19.19
CA VAL B 252 10.58 6.42 -18.34
C VAL B 252 10.39 5.14 -19.15
N SER B 253 10.17 4.04 -18.44
CA SER B 253 9.78 2.73 -19.04
C SER B 253 8.27 2.70 -19.22
N ILE B 254 7.81 1.78 -20.06
CA ILE B 254 6.37 1.48 -20.23
C ILE B 254 6.03 0.25 -19.37
N LEU B 255 6.91 -0.74 -19.31
CA LEU B 255 6.75 -1.93 -18.44
C LEU B 255 7.73 -1.83 -17.27
N ARG B 256 7.30 -2.29 -16.09
CA ARG B 256 8.17 -2.32 -14.90
C ARG B 256 7.78 -3.53 -14.03
N GLY B 257 8.72 -4.00 -13.23
CA GLY B 257 8.48 -5.04 -12.23
C GLY B 257 8.92 -6.41 -12.72
N HIS B 258 8.28 -7.45 -12.19
CA HIS B 258 8.61 -8.86 -12.47
C HIS B 258 8.21 -9.18 -13.91
N ARG B 259 9.06 -9.90 -14.64
CA ARG B 259 8.78 -10.34 -16.03
C ARG B 259 7.51 -11.17 -16.09
N ASP B 260 7.20 -11.95 -15.05
CA ASP B 260 5.98 -12.80 -14.95
C ASP B 260 4.72 -11.96 -14.71
N ALA B 261 4.84 -10.73 -14.20
CA ALA B 261 3.66 -9.88 -13.87
C ALA B 261 4.02 -8.41 -14.01
N PRO B 262 4.44 -7.95 -15.20
CA PRO B 262 4.85 -6.57 -15.38
C PRO B 262 3.68 -5.59 -15.28
N GLN B 263 3.95 -4.43 -14.71
CA GLN B 263 2.98 -3.31 -14.73
C GLN B 263 3.10 -2.59 -16.06
N LEU B 264 1.99 -2.01 -16.50
CA LEU B 264 1.85 -1.29 -17.77
C LEU B 264 1.58 0.18 -17.47
N CYS B 265 2.24 1.08 -18.16
CA CYS B 265 1.96 2.53 -18.07
C CYS B 265 2.18 3.15 -19.45
N VAL B 266 1.09 3.52 -20.13
CA VAL B 266 1.16 4.03 -21.52
C VAL B 266 -0.08 4.87 -21.80
N ASP B 267 0.06 5.88 -22.65
CA ASP B 267 -1.05 6.76 -23.10
C ASP B 267 -0.98 6.81 -24.63
N SER B 268 -1.98 6.27 -25.31
CA SER B 268 -2.01 6.12 -26.79
C SER B 268 -1.80 7.47 -27.49
N ASP B 269 -2.13 8.60 -26.83
CA ASP B 269 -2.10 9.95 -27.46
C ASP B 269 -0.91 10.79 -26.97
N PHE B 270 -0.23 10.40 -25.88
CA PHE B 270 0.74 11.29 -25.18
C PHE B 270 2.08 10.60 -24.89
N THR B 271 2.36 9.45 -25.50
CA THR B 271 3.60 8.68 -25.29
C THR B 271 4.42 8.71 -26.58
N THR B 272 5.71 9.03 -26.47
CA THR B 272 6.66 8.98 -27.60
C THR B 272 7.93 8.27 -27.14
N ALA B 273 8.72 7.75 -28.08
CA ALA B 273 10.09 7.28 -27.82
C ALA B 273 11.00 8.51 -27.64
N VAL B 274 12.05 8.36 -26.84
CA VAL B 274 13.14 9.37 -26.64
C VAL B 274 13.68 9.76 -28.02
N ASP B 275 14.06 11.04 -28.17
CA ASP B 275 14.65 11.59 -29.42
C ASP B 275 15.70 10.63 -29.96
N GLY B 276 15.56 10.20 -31.21
CA GLY B 276 16.56 9.43 -31.97
C GLY B 276 16.51 7.93 -31.70
N ASP B 277 15.66 7.48 -30.79
CA ASP B 277 15.54 6.04 -30.43
C ASP B 277 14.46 5.41 -31.33
N ALA B 278 14.81 5.09 -32.58
CA ALA B 278 13.89 4.52 -33.60
C ALA B 278 13.41 3.12 -33.15
N GLU B 279 14.26 2.35 -32.48
CA GLU B 279 13.90 1.00 -31.99
C GLU B 279 12.78 1.13 -30.96
N ALA B 280 12.88 2.11 -30.05
CA ALA B 280 11.87 2.34 -29.02
C ALA B 280 10.57 2.82 -29.70
N ALA B 281 10.68 3.68 -30.72
CA ALA B 281 9.52 4.17 -31.50
C ALA B 281 8.78 2.96 -32.08
N GLY B 282 9.53 1.99 -32.62
CA GLY B 282 9.03 0.70 -33.15
C GLY B 282 8.29 -0.10 -32.09
N ALA B 283 8.91 -0.28 -30.91
CA ALA B 283 8.35 -1.11 -29.82
C ALA B 283 7.04 -0.49 -29.32
N LEU B 284 7.05 0.83 -29.15
CA LEU B 284 5.85 1.61 -28.73
C LEU B 284 4.72 1.37 -29.74
N ASP B 285 4.99 1.53 -31.04
CA ASP B 285 3.89 1.39 -32.04
C ASP B 285 3.43 -0.06 -32.10
N THR B 286 4.31 -1.04 -31.88
CA THR B 286 3.93 -2.47 -31.76
C THR B 286 2.97 -2.65 -30.57
N LEU B 287 3.30 -2.05 -29.43
CA LEU B 287 2.44 -2.14 -28.23
C LEU B 287 1.09 -1.47 -28.49
N ILE B 288 1.07 -0.29 -29.10
CA ILE B 288 -0.19 0.47 -29.36
C ILE B 288 -1.09 -0.37 -30.28
N LYS B 289 -0.52 -1.01 -31.31
CA LYS B 289 -1.30 -1.87 -32.22
C LYS B 289 -1.82 -3.09 -31.45
N HIS B 290 -1.00 -3.69 -30.57
CA HIS B 290 -1.37 -4.87 -29.75
C HIS B 290 -2.53 -4.51 -28.81
N LEU B 291 -2.41 -3.40 -28.06
CA LEU B 291 -3.45 -3.05 -27.06
C LEU B 291 -4.72 -2.65 -27.79
N GLY B 292 -4.59 -1.89 -28.88
CA GLY B 292 -5.72 -1.51 -29.74
C GLY B 292 -6.50 -2.74 -30.18
N GLY B 293 -5.80 -3.82 -30.55
CA GLY B 293 -6.41 -5.07 -31.04
C GLY B 293 -6.99 -5.91 -29.91
N ALA B 294 -6.56 -5.66 -28.66
CA ALA B 294 -6.91 -6.51 -27.50
C ALA B 294 -8.01 -5.85 -26.68
N LEU B 295 -8.46 -4.64 -27.04
CA LEU B 295 -9.48 -3.90 -26.27
C LEU B 295 -10.75 -4.75 -26.20
N TYR B 296 -11.31 -4.85 -25.01
CA TYR B 296 -12.64 -5.47 -24.77
C TYR B 296 -13.43 -4.47 -23.94
N GLU B 297 -14.68 -4.80 -23.66
CA GLU B 297 -15.63 -3.84 -23.07
C GLU B 297 -16.16 -4.36 -21.74
N VAL B 298 -16.39 -3.45 -20.81
CA VAL B 298 -17.09 -3.70 -19.54
C VAL B 298 -18.27 -2.74 -19.49
N VAL B 299 -19.48 -3.27 -19.40
CA VAL B 299 -20.72 -2.47 -19.33
C VAL B 299 -21.22 -2.58 -17.90
N LEU B 300 -21.44 -1.43 -17.26
CA LEU B 300 -21.98 -1.35 -15.88
C LEU B 300 -23.42 -0.87 -15.97
N GLY B 301 -24.35 -1.76 -15.63
CA GLY B 301 -25.75 -1.40 -15.42
C GLY B 301 -25.91 -0.55 -14.16
N PRO B 302 -27.10 0.02 -13.91
CA PRO B 302 -27.33 0.79 -12.69
C PRO B 302 -27.05 -0.09 -11.46
N GLY B 303 -26.19 0.41 -10.57
CA GLY B 303 -25.82 -0.26 -9.32
C GLY B 303 -24.63 -1.19 -9.49
N ASP B 304 -24.02 -1.24 -10.68
CA ASP B 304 -22.79 -2.02 -10.91
C ASP B 304 -21.58 -1.12 -10.65
N VAL B 305 -20.59 -1.65 -9.93
CA VAL B 305 -19.33 -0.93 -9.58
C VAL B 305 -18.17 -1.70 -10.19
N ALA B 306 -17.22 -1.01 -10.82
CA ALA B 306 -15.99 -1.65 -11.31
C ALA B 306 -14.78 -0.95 -10.70
N PHE B 307 -13.74 -1.71 -10.41
CA PHE B 307 -12.39 -1.18 -10.12
C PHE B 307 -11.45 -1.75 -11.17
N LEU B 308 -10.90 -0.87 -12.00
CA LEU B 308 -9.85 -1.25 -12.96
C LEU B 308 -8.51 -1.19 -12.26
N ASP B 309 -7.69 -2.22 -12.44
CA ASP B 309 -6.31 -2.22 -11.93
C ASP B 309 -5.46 -1.41 -12.91
N ASN B 310 -5.22 -0.15 -12.56
CA ASN B 310 -4.52 0.85 -13.42
C ASN B 310 -3.04 0.46 -13.58
N ARG B 311 -2.54 -0.50 -12.80
CA ARG B 311 -1.15 -1.00 -12.97
C ARG B 311 -1.10 -1.98 -14.13
N ASN B 312 -2.25 -2.54 -14.52
CA ASN B 312 -2.31 -3.68 -15.49
C ASN B 312 -3.01 -3.28 -16.79
N VAL B 313 -3.98 -2.38 -16.75
CA VAL B 313 -4.83 -2.13 -17.95
C VAL B 313 -4.85 -0.66 -18.31
N VAL B 314 -5.01 -0.41 -19.61
CA VAL B 314 -5.44 0.90 -20.17
C VAL B 314 -6.97 0.85 -20.26
N HIS B 315 -7.60 2.00 -20.34
CA HIS B 315 -9.06 2.08 -20.52
C HIS B 315 -9.41 3.28 -21.39
N GLY B 316 -10.56 3.19 -22.02
CA GLY B 316 -11.14 4.25 -22.84
C GLY B 316 -12.64 4.12 -22.91
N ARG B 317 -13.22 4.68 -23.96
CA ARG B 317 -14.68 4.65 -24.18
C ARG B 317 -14.90 4.79 -25.67
N ARG B 318 -15.93 4.14 -26.20
CA ARG B 318 -16.25 4.18 -27.64
C ARG B 318 -17.36 5.20 -27.83
N PRO B 319 -17.59 5.67 -29.07
CA PRO B 319 -18.67 6.61 -29.33
C PRO B 319 -20.00 6.10 -28.77
N PHE B 320 -20.81 7.01 -28.23
CA PHE B 320 -22.23 6.75 -27.90
C PHE B 320 -23.05 8.00 -28.19
N ARG B 321 -24.37 7.85 -28.05
CA ARG B 321 -25.39 8.83 -28.50
C ARG B 321 -26.02 9.46 -27.25
N ALA B 322 -25.55 10.64 -26.85
CA ALA B 322 -26.09 11.43 -25.72
C ALA B 322 -27.28 12.28 -26.21
N ARG B 323 -28.36 12.32 -25.43
CA ARG B 323 -29.61 13.09 -25.74
C ARG B 323 -29.61 14.43 -25.00
N PHE B 324 -29.01 14.50 -23.81
CA PHE B 324 -28.89 15.74 -22.99
C PHE B 324 -30.29 16.17 -22.55
N ASP B 325 -31.09 15.20 -22.10
CA ASP B 325 -32.50 15.39 -21.66
C ASP B 325 -32.68 14.90 -20.22
N GLY B 326 -31.57 14.62 -19.50
CA GLY B 326 -31.60 14.14 -18.10
C GLY B 326 -31.71 12.63 -17.96
N THR B 327 -31.66 11.88 -19.07
CA THR B 327 -31.71 10.39 -19.07
C THR B 327 -30.35 9.80 -19.41
N ASP B 328 -29.31 10.61 -19.59
CA ASP B 328 -28.01 10.11 -20.12
C ASP B 328 -27.30 9.27 -19.06
N ARG B 329 -26.38 8.43 -19.53
CA ARG B 329 -25.40 7.66 -18.71
C ARG B 329 -24.76 8.57 -17.66
N TRP B 330 -24.63 8.07 -16.44
CA TRP B 330 -24.05 8.84 -15.31
C TRP B 330 -23.31 7.88 -14.39
N LEU B 331 -22.01 8.07 -14.20
CA LEU B 331 -21.25 7.28 -13.21
C LEU B 331 -20.62 8.20 -12.19
N LYS B 332 -20.44 7.70 -10.97
CA LYS B 332 -19.52 8.28 -9.99
C LYS B 332 -18.16 7.61 -10.22
N ARG B 333 -17.08 8.38 -10.10
CA ARG B 333 -15.72 7.89 -10.39
C ARG B 333 -14.80 8.23 -9.22
N ILE B 334 -13.81 7.38 -8.98
CA ILE B 334 -12.84 7.58 -7.88
C ILE B 334 -11.48 7.00 -8.30
N ASN B 335 -10.41 7.57 -7.75
CA ASN B 335 -9.04 7.02 -7.84
C ASN B 335 -8.65 6.46 -6.48
N VAL B 336 -7.98 5.32 -6.49
CA VAL B 336 -7.53 4.62 -5.26
C VAL B 336 -6.02 4.39 -5.36
N THR B 337 -5.30 4.67 -4.28
CA THR B 337 -3.86 4.33 -4.18
C THR B 337 -3.67 3.27 -3.11
N ALA B 338 -2.78 2.31 -3.34
CA ALA B 338 -2.37 1.31 -2.34
C ALA B 338 -1.50 1.98 -1.26
N ASP B 339 -0.90 3.14 -1.56
CA ASP B 339 0.14 3.77 -0.69
C ASP B 339 -0.05 5.28 -0.69
N LEU B 340 -0.95 5.78 0.16
CA LEU B 340 -1.22 7.24 0.26
C LEU B 340 0.06 7.96 0.67
N ARG B 341 0.84 7.39 1.58
CA ARG B 341 2.00 8.07 2.19
C ARG B 341 2.98 8.50 1.09
N LYS B 342 3.13 7.70 0.03
CA LYS B 342 4.18 7.95 -0.99
C LYS B 342 3.95 9.28 -1.73
N SER B 343 2.72 9.82 -1.73
CA SER B 343 2.38 11.06 -2.49
C SER B 343 2.39 12.28 -1.57
N ARG B 344 2.92 12.18 -0.36
CA ARG B 344 2.79 13.26 0.66
C ARG B 344 3.42 14.57 0.12
N ALA B 345 4.49 14.48 -0.68
CA ALA B 345 5.17 15.65 -1.28
C ALA B 345 4.20 16.44 -2.19
N ALA B 346 3.18 15.78 -2.72
CA ALA B 346 2.22 16.38 -3.68
C ALA B 346 0.87 16.69 -3.01
N ARG B 347 0.74 16.53 -1.69
CA ARG B 347 -0.53 16.80 -0.99
C ARG B 347 -0.34 17.90 0.07
N ARG B 348 -1.43 18.59 0.39
CA ARG B 348 -1.45 19.85 1.19
C ARG B 348 -1.02 19.54 2.63
N ASP B 349 -1.47 18.41 3.15
CA ASP B 349 -1.20 17.99 4.55
C ASP B 349 -1.45 16.48 4.62
N ALA B 350 -1.22 15.89 5.79
CA ALA B 350 -1.23 14.43 5.99
C ALA B 350 -2.55 13.84 5.46
N GLN B 351 -3.68 14.47 5.76
CA GLN B 351 -5.03 13.88 5.54
C GLN B 351 -5.60 14.32 4.18
N ALA B 352 -5.10 15.41 3.60
CA ALA B 352 -5.59 15.93 2.31
C ALA B 352 -5.36 14.86 1.23
N ARG B 353 -6.34 14.70 0.34
CA ARG B 353 -6.32 13.61 -0.68
C ARG B 353 -6.12 14.16 -2.09
N VAL B 354 -5.82 15.45 -2.26
CA VAL B 354 -5.86 16.09 -3.61
C VAL B 354 -4.42 16.27 -4.11
N LEU B 355 -4.04 15.49 -5.12
CA LEU B 355 -2.67 15.51 -5.69
C LEU B 355 -2.46 16.82 -6.46
N GLY B 356 -1.40 17.54 -6.10
CA GLY B 356 -1.02 18.83 -6.73
C GLY B 356 -1.68 20.03 -6.06
N GLU B 357 -2.34 19.82 -4.92
CA GLU B 357 -2.98 20.89 -4.11
C GLU B 357 -1.87 21.65 -3.35
N ALA B 358 -0.81 20.94 -2.95
CA ALA B 358 0.48 21.51 -2.46
C ALA B 358 1.39 20.37 -1.97
#